data_7NHE
#
_entry.id   7NHE
#
_cell.length_a   177.973
_cell.length_b   177.973
_cell.length_c   115.121
_cell.angle_alpha   90.000
_cell.angle_beta   90.000
_cell.angle_gamma   120.000
#
_symmetry.space_group_name_H-M   'H 3'
#
loop_
_entity.id
_entity.type
_entity.pdbx_description
1 polymer "Pyridoxal 5'-phosphate synthase subunit PDX1.3"
2 non-polymer 'PHOSPHATE ION'
3 non-polymer '[(~{E},4~{S})-4-azanyl-3-oxidanylidene-pent-1-enyl] dihydrogen phosphate'
4 water water
#
_entity_poly.entity_id   1
_entity_poly.type   'polypeptide(L)'
_entity_poly.pdbx_seq_one_letter_code
;MEGTGVVAVYGNGAITEAKKSPFSVKVGLAQMLRGGVIMDVVNAEQARIAEEAGACAVMALERVPADIRAQGGVARMSDP
QMIKEIKQAVTIPVMAKARIGHFVEAQILEAIGIDYIDESEVLTLADEDHHINKHNFRIPFVCGCRNLGEALRRIREGAA
MIRTRGEAGTGNIIEAVRHVRSVNGDIRVLRNMDDDEVFTFAKKLAAPYDLVMQTKQLGRLPVVQFAAGGVATPADAALM
MQLGCDGVFVGSGIFKSGDPARRARAIVQAVTHYSDPEMLVEVSCGLGEAM
;
_entity_poly.pdbx_strand_id   A,B,C,D
#
# COMPACT_ATOMS: atom_id res chain seq x y z
N LYS A 20 -9.38 1.29 -33.46
CA LYS A 20 -10.65 1.69 -34.01
C LYS A 20 -11.05 3.11 -33.57
N SER A 21 -10.97 3.38 -32.24
CA SER A 21 -11.28 4.71 -31.75
C SER A 21 -10.13 5.68 -32.06
N PRO A 22 -10.43 6.96 -32.24
CA PRO A 22 -9.34 7.93 -32.46
C PRO A 22 -8.37 8.06 -31.29
N PHE A 23 -8.84 7.88 -30.05
CA PHE A 23 -7.89 7.85 -28.94
C PHE A 23 -6.96 6.64 -29.06
N SER A 24 -7.48 5.47 -29.43
CA SER A 24 -6.63 4.31 -29.68
C SER A 24 -5.55 4.61 -30.71
N VAL A 25 -5.89 5.37 -31.76
CA VAL A 25 -4.93 5.68 -32.82
C VAL A 25 -3.78 6.53 -32.28
N LYS A 26 -4.10 7.55 -31.46
CA LYS A 26 -3.06 8.37 -30.86
C LYS A 26 -2.20 7.57 -29.91
N VAL A 27 -2.83 6.70 -29.13
CA VAL A 27 -2.08 5.84 -28.23
C VAL A 27 -1.15 4.94 -29.02
N GLY A 28 -1.66 4.36 -30.13
CA GLY A 28 -0.81 3.52 -30.96
C GLY A 28 0.33 4.28 -31.59
N LEU A 29 0.09 5.54 -31.96
CA LEU A 29 1.13 6.34 -32.61
C LEU A 29 2.34 6.50 -31.70
N ALA A 30 2.13 6.77 -30.41
CA ALA A 30 3.23 7.02 -29.50
C ALA A 30 4.05 5.75 -29.20
N GLN A 31 3.51 4.56 -29.51
CA GLN A 31 4.30 3.33 -29.38
C GLN A 31 5.65 3.42 -30.11
N MET A 32 5.72 4.23 -31.16
CA MET A 32 6.95 4.30 -31.95
C MET A 32 8.12 4.90 -31.19
N LEU A 33 7.85 5.64 -30.12
CA LEU A 33 8.88 6.28 -29.31
C LEU A 33 9.51 5.34 -28.28
N ARG A 34 8.89 4.19 -28.06
CA ARG A 34 9.40 3.20 -27.13
C ARG A 34 10.88 2.93 -27.37
N GLY A 35 11.68 2.98 -26.31
CA GLY A 35 13.12 2.83 -26.44
C GLY A 35 13.85 4.08 -26.86
N GLY A 36 13.22 5.25 -26.80
CA GLY A 36 13.82 6.47 -27.31
C GLY A 36 14.13 7.54 -26.26
N VAL A 37 14.93 8.52 -26.70
CA VAL A 37 15.26 9.70 -25.92
C VAL A 37 14.69 10.92 -26.62
N ILE A 38 13.95 11.74 -25.88
CA ILE A 38 13.39 13.00 -26.38
C ILE A 38 14.20 14.13 -25.79
N MET A 39 14.75 14.99 -26.64
CA MET A 39 15.67 16.03 -26.21
C MET A 39 15.06 17.42 -26.38
N ASP A 40 15.17 18.24 -25.34
CA ASP A 40 14.81 19.65 -25.46
C ASP A 40 15.83 20.38 -26.33
N VAL A 41 15.32 21.26 -27.20
CA VAL A 41 16.17 22.05 -28.09
C VAL A 41 15.60 23.46 -28.13
N VAL A 42 16.49 24.44 -28.35
CA VAL A 42 16.09 25.85 -28.44
C VAL A 42 16.42 26.48 -29.77
N ASN A 43 17.06 25.75 -30.69
CA ASN A 43 17.29 26.27 -32.03
C ASN A 43 17.52 25.10 -32.98
N ALA A 44 17.47 25.41 -34.28
CA ALA A 44 17.61 24.37 -35.30
C ALA A 44 18.98 23.68 -35.24
N GLU A 45 20.00 24.33 -34.68
CA GLU A 45 21.28 23.67 -34.53
C GLU A 45 21.21 22.60 -33.46
N GLN A 46 20.67 22.94 -32.28
CA GLN A 46 20.49 21.93 -31.24
C GLN A 46 19.63 20.78 -31.74
N ALA A 47 18.63 21.07 -32.58
CA ALA A 47 17.78 20.02 -33.11
C ALA A 47 18.55 19.09 -34.01
N ARG A 48 19.41 19.63 -34.87
CA ARG A 48 20.21 18.78 -35.75
C ARG A 48 21.13 17.87 -34.94
N ILE A 49 21.74 18.40 -33.88
CA ILE A 49 22.58 17.59 -33.00
C ILE A 49 21.76 16.48 -32.36
N ALA A 50 20.56 16.80 -31.88
CA ALA A 50 19.72 15.79 -31.24
C ALA A 50 19.38 14.68 -32.21
N GLU A 51 19.09 15.02 -33.47
CA GLU A 51 18.71 14.01 -34.45
C GLU A 51 19.89 13.15 -34.84
N GLU A 52 21.08 13.75 -34.97
CA GLU A 52 22.26 12.99 -35.35
C GLU A 52 22.73 12.08 -34.23
N ALA A 53 22.49 12.46 -32.98
CA ALA A 53 22.84 11.60 -31.86
C ALA A 53 21.88 10.43 -31.70
N GLY A 54 20.74 10.44 -32.40
CA GLY A 54 19.77 9.37 -32.33
C GLY A 54 18.53 9.62 -31.50
N ALA A 55 18.21 10.87 -31.22
CA ALA A 55 16.98 11.14 -30.47
C ALA A 55 15.78 10.60 -31.25
N CYS A 56 14.78 10.11 -30.52
CA CYS A 56 13.58 9.71 -31.24
C CYS A 56 12.67 10.89 -31.54
N ALA A 57 12.89 12.04 -30.92
CA ALA A 57 12.08 13.24 -31.13
C ALA A 57 12.73 14.40 -30.39
N VAL A 58 12.36 15.62 -30.78
CA VAL A 58 12.88 16.80 -30.11
C VAL A 58 11.71 17.58 -29.52
N MET A 59 12.00 18.29 -28.45
CA MET A 59 11.04 19.13 -27.76
C MET A 59 11.50 20.57 -27.93
N ALA A 60 10.78 21.32 -28.75
CA ALA A 60 11.11 22.71 -29.03
C ALA A 60 10.59 23.61 -27.91
N LEU A 61 11.47 24.37 -27.27
CA LEU A 61 11.06 25.39 -26.31
C LEU A 61 12.04 26.55 -26.37
N GLU A 62 11.61 27.68 -25.83
CA GLU A 62 12.46 28.88 -25.85
C GLU A 62 13.44 28.92 -24.69
N ARG A 63 13.10 28.33 -23.54
CA ARG A 63 14.03 28.23 -22.41
C ARG A 63 14.02 26.81 -21.85
N VAL A 64 15.20 26.26 -21.63
CA VAL A 64 15.29 24.91 -21.07
C VAL A 64 14.88 24.97 -19.60
N PRO A 65 14.37 23.88 -19.02
CA PRO A 65 13.85 23.94 -17.63
C PRO A 65 14.84 24.48 -16.60
N ALA A 66 16.14 24.24 -16.74
CA ALA A 66 17.10 24.77 -15.77
C ALA A 66 17.20 26.29 -15.85
N ASP A 67 17.04 26.87 -17.05
CA ASP A 67 17.04 28.32 -17.20
C ASP A 67 15.73 28.93 -16.68
N ILE A 68 14.60 28.29 -16.99
CA ILE A 68 13.31 28.73 -16.43
C ILE A 68 13.40 28.79 -14.91
N ARG A 69 13.97 27.75 -14.30
CA ARG A 69 14.06 27.67 -12.85
C ARG A 69 14.95 28.76 -12.28
N ALA A 70 16.05 29.06 -12.97
CA ALA A 70 17.04 30.01 -12.45
C ALA A 70 16.63 31.46 -12.70
N GLN A 71 15.94 31.74 -13.80
CA GLN A 71 15.64 33.11 -14.20
C GLN A 71 14.32 33.62 -13.62
N GLY A 72 13.32 32.76 -13.51
CA GLY A 72 12.00 33.21 -13.12
C GLY A 72 11.22 33.78 -14.31
N GLY A 73 10.25 34.64 -13.99
CA GLY A 73 9.36 35.20 -15.00
C GLY A 73 8.32 34.22 -15.49
N VAL A 74 7.39 34.68 -16.32
CA VAL A 74 6.35 33.79 -16.84
C VAL A 74 6.91 33.04 -18.05
N ALA A 75 6.70 31.73 -18.08
CA ALA A 75 7.19 30.87 -19.15
C ALA A 75 5.98 30.34 -19.90
N ARG A 76 5.92 30.63 -21.19
CA ARG A 76 4.75 30.31 -22.01
C ARG A 76 5.17 29.47 -23.21
N MET A 77 4.16 29.14 -24.02
CA MET A 77 4.37 28.56 -25.35
C MET A 77 5.44 29.34 -26.10
N SER A 78 6.25 28.63 -26.87
CA SER A 78 7.27 29.29 -27.66
C SER A 78 6.67 29.97 -28.89
N ASP A 79 7.45 30.88 -29.46
CA ASP A 79 7.04 31.56 -30.68
C ASP A 79 6.83 30.57 -31.82
N PRO A 80 5.70 30.61 -32.52
CA PRO A 80 5.51 29.72 -33.68
C PRO A 80 6.67 29.76 -34.68
N GLN A 81 7.29 30.92 -34.86
CA GLN A 81 8.41 31.02 -35.80
C GLN A 81 9.55 30.09 -35.42
N MET A 82 9.96 30.09 -34.14
CA MET A 82 11.09 29.24 -33.76
C MET A 82 10.71 27.77 -33.78
N ILE A 83 9.43 27.47 -33.53
CA ILE A 83 8.96 26.09 -33.62
C ILE A 83 8.99 25.61 -35.06
N LYS A 84 8.58 26.47 -36.02
CA LYS A 84 8.66 26.11 -37.44
C LYS A 84 10.10 25.86 -37.85
N GLU A 85 11.05 26.68 -37.37
CA GLU A 85 12.45 26.48 -37.72
C GLU A 85 12.96 25.13 -37.26
N ILE A 86 12.53 24.70 -36.07
CA ILE A 86 12.95 23.39 -35.60
C ILE A 86 12.27 22.28 -36.39
N LYS A 87 10.98 22.46 -36.70
CA LYS A 87 10.25 21.48 -37.50
C LYS A 87 10.88 21.30 -38.87
N GLN A 88 11.39 22.39 -39.46
CA GLN A 88 12.03 22.28 -40.77
C GLN A 88 13.44 21.72 -40.72
N ALA A 89 14.06 21.68 -39.55
CA ALA A 89 15.47 21.29 -39.47
C ALA A 89 15.67 19.78 -39.31
N VAL A 90 14.61 19.02 -39.01
CA VAL A 90 14.75 17.61 -38.69
C VAL A 90 13.63 16.83 -39.36
N THR A 91 13.79 15.51 -39.41
CA THR A 91 12.74 14.62 -39.88
C THR A 91 12.07 13.84 -38.76
N ILE A 92 12.67 13.80 -37.56
CA ILE A 92 12.06 13.10 -36.43
C ILE A 92 10.88 13.93 -35.91
N PRO A 93 9.95 13.33 -35.16
CA PRO A 93 8.83 14.12 -34.61
C PRO A 93 9.30 15.32 -33.79
N VAL A 94 8.44 16.33 -33.76
CA VAL A 94 8.69 17.55 -32.99
C VAL A 94 7.56 17.74 -32.00
N MET A 95 7.91 17.91 -30.73
CA MET A 95 6.97 18.27 -29.68
C MET A 95 7.15 19.73 -29.30
N ALA A 96 6.14 20.27 -28.62
CA ALA A 96 6.21 21.61 -28.05
C ALA A 96 5.35 21.67 -26.79
N LYS A 97 5.73 22.56 -25.89
CA LYS A 97 5.04 22.70 -24.62
C LYS A 97 3.94 23.75 -24.71
N ALA A 98 2.81 23.44 -24.07
CA ALA A 98 1.76 24.41 -23.78
C ALA A 98 1.58 24.47 -22.26
N ARG A 99 1.13 25.62 -21.77
CA ARG A 99 0.91 25.72 -20.34
C ARG A 99 -0.30 24.88 -19.96
N ILE A 100 -0.29 24.40 -18.71
CA ILE A 100 -1.38 23.54 -18.26
C ILE A 100 -2.68 24.35 -18.24
N GLY A 101 -3.72 23.79 -18.88
CA GLY A 101 -5.00 24.45 -18.97
C GLY A 101 -5.14 25.44 -20.12
N HIS A 102 -4.04 25.77 -20.82
CA HIS A 102 -4.09 26.76 -21.89
C HIS A 102 -4.44 26.05 -23.19
N PHE A 103 -5.76 25.83 -23.39
CA PHE A 103 -6.18 25.10 -24.57
C PHE A 103 -6.03 25.92 -25.85
N VAL A 104 -5.86 27.24 -25.72
CA VAL A 104 -5.64 28.02 -26.94
C VAL A 104 -4.19 27.91 -27.39
N GLU A 105 -3.24 27.92 -26.46
CA GLU A 105 -1.87 27.61 -26.82
C GLU A 105 -1.78 26.26 -27.54
N ALA A 106 -2.56 25.28 -27.08
CA ALA A 106 -2.58 23.98 -27.74
C ALA A 106 -3.22 24.06 -29.14
N GLN A 107 -4.33 24.80 -29.28
CA GLN A 107 -4.90 25.02 -30.61
C GLN A 107 -3.85 25.61 -31.56
N ILE A 108 -3.07 26.58 -31.09
CA ILE A 108 -2.05 27.20 -31.91
C ILE A 108 -0.99 26.19 -32.33
N LEU A 109 -0.53 25.37 -31.38
CA LEU A 109 0.49 24.39 -31.68
C LEU A 109 -0.03 23.33 -32.66
N GLU A 110 -1.27 22.88 -32.46
CA GLU A 110 -1.85 21.93 -33.40
C GLU A 110 -1.89 22.52 -34.80
N ALA A 111 -2.29 23.80 -34.92
CA ALA A 111 -2.34 24.49 -36.20
C ALA A 111 -0.98 24.68 -36.85
N ILE A 112 0.11 24.69 -36.06
CA ILE A 112 1.45 24.75 -36.65
C ILE A 112 1.82 23.43 -37.32
N GLY A 113 1.18 22.33 -36.93
CA GLY A 113 1.52 21.03 -37.49
C GLY A 113 2.65 20.30 -36.79
N ILE A 114 2.82 20.47 -35.48
CA ILE A 114 3.81 19.66 -34.80
C ILE A 114 3.21 18.29 -34.53
N ASP A 115 3.97 17.40 -33.92
CA ASP A 115 3.52 16.03 -33.80
C ASP A 115 2.91 15.71 -32.44
N TYR A 116 3.33 16.41 -31.39
CA TYR A 116 2.89 16.14 -30.03
C TYR A 116 2.88 17.46 -29.26
N ILE A 117 1.94 17.58 -28.34
CA ILE A 117 1.92 18.69 -27.40
C ILE A 117 2.17 18.11 -26.02
N ASP A 118 3.08 18.73 -25.28
CA ASP A 118 3.32 18.39 -23.88
C ASP A 118 2.65 19.48 -23.04
N GLU A 119 1.58 19.11 -22.36
CA GLU A 119 0.93 20.00 -21.39
C GLU A 119 1.76 19.96 -20.12
N SER A 120 2.66 20.92 -19.98
CA SER A 120 3.84 20.79 -19.12
C SER A 120 3.75 21.62 -17.85
N GLU A 121 4.03 20.97 -16.71
N GLU A 121 4.03 20.96 -16.73
CA GLU A 121 4.19 21.70 -15.45
CA GLU A 121 4.23 21.60 -15.43
C GLU A 121 5.44 22.57 -15.43
C GLU A 121 5.47 22.49 -15.39
N VAL A 122 6.31 22.48 -16.43
CA VAL A 122 7.53 23.28 -16.42
C VAL A 122 7.24 24.72 -16.84
N LEU A 123 6.23 24.94 -17.65
CA LEU A 123 5.75 26.27 -17.94
C LEU A 123 4.87 26.75 -16.79
N THR A 124 4.63 28.06 -16.77
CA THR A 124 3.76 28.63 -15.74
C THR A 124 2.34 28.10 -15.90
N LEU A 125 1.79 27.57 -14.81
CA LEU A 125 0.41 27.13 -14.77
C LEU A 125 -0.51 28.23 -15.30
N ALA A 126 -1.45 27.86 -16.17
CA ALA A 126 -2.44 28.82 -16.67
C ALA A 126 -3.80 28.66 -16.02
N ASP A 127 -4.15 27.43 -15.64
CA ASP A 127 -5.44 27.11 -15.03
C ASP A 127 -5.13 26.20 -13.85
N GLU A 128 -5.45 26.66 -12.63
CA GLU A 128 -5.07 25.91 -11.45
C GLU A 128 -5.98 24.71 -11.18
N ASP A 129 -7.18 24.69 -11.76
CA ASP A 129 -8.18 23.69 -11.43
C ASP A 129 -8.49 22.70 -12.57
N HIS A 130 -8.10 22.99 -13.81
CA HIS A 130 -8.47 22.14 -14.92
C HIS A 130 -7.32 21.99 -15.89
N HIS A 131 -7.14 20.78 -16.41
CA HIS A 131 -6.22 20.57 -17.51
C HIS A 131 -6.97 20.75 -18.84
N ILE A 132 -6.20 20.75 -19.94
CA ILE A 132 -6.78 20.81 -21.27
C ILE A 132 -7.61 19.56 -21.53
N ASN A 133 -8.75 19.75 -22.21
CA ASN A 133 -9.60 18.64 -22.63
C ASN A 133 -9.00 18.04 -23.90
N LYS A 134 -8.06 17.13 -23.70
CA LYS A 134 -7.19 16.74 -24.81
C LYS A 134 -7.92 15.91 -25.87
N HIS A 135 -9.06 15.31 -25.55
CA HIS A 135 -9.82 14.58 -26.57
C HIS A 135 -10.38 15.50 -27.66
N ASN A 136 -10.51 16.81 -27.40
CA ASN A 136 -10.99 17.73 -28.44
C ASN A 136 -9.95 17.97 -29.54
N PHE A 137 -8.75 17.39 -29.42
CA PHE A 137 -7.67 17.70 -30.33
C PHE A 137 -7.33 16.50 -31.19
N ARG A 138 -6.79 16.78 -32.38
CA ARG A 138 -6.43 15.71 -33.29
C ARG A 138 -5.04 15.14 -32.97
N ILE A 139 -4.14 15.94 -32.42
CA ILE A 139 -2.81 15.40 -32.25
C ILE A 139 -2.58 14.96 -30.81
N PRO A 140 -1.66 14.02 -30.59
CA PRO A 140 -1.51 13.43 -29.26
C PRO A 140 -0.84 14.37 -28.28
N PHE A 141 -1.19 14.19 -27.02
CA PHE A 141 -0.62 14.96 -25.91
C PHE A 141 0.25 14.07 -25.04
N VAL A 142 1.29 14.66 -24.46
CA VAL A 142 2.01 14.10 -23.33
C VAL A 142 1.68 14.94 -22.10
N CYS A 143 1.43 14.27 -20.97
CA CYS A 143 1.23 14.91 -19.68
C CYS A 143 2.18 14.31 -18.64
N GLY A 144 2.41 15.08 -17.56
CA GLY A 144 3.23 14.59 -16.47
C GLY A 144 2.40 13.98 -15.34
N CYS A 145 3.07 13.26 -14.45
CA CYS A 145 2.40 12.72 -13.28
C CYS A 145 3.42 12.45 -12.19
N ARG A 146 2.91 12.24 -11.00
CA ARG A 146 3.72 11.86 -9.85
C ARG A 146 3.25 10.57 -9.23
N ASN A 147 2.06 10.11 -9.58
CA ASN A 147 1.49 8.89 -9.00
C ASN A 147 0.48 8.36 -10.00
N LEU A 148 -0.04 7.16 -9.71
CA LEU A 148 -0.91 6.47 -10.66
C LEU A 148 -2.24 7.21 -10.85
N GLY A 149 -2.79 7.77 -9.77
CA GLY A 149 -4.02 8.54 -9.88
C GLY A 149 -3.89 9.71 -10.84
N GLU A 150 -2.83 10.50 -10.68
CA GLU A 150 -2.55 11.57 -11.63
C GLU A 150 -2.47 11.03 -13.04
N ALA A 151 -1.70 9.97 -13.23
CA ALA A 151 -1.53 9.37 -14.55
C ALA A 151 -2.88 9.03 -15.16
N LEU A 152 -3.72 8.31 -14.41
CA LEU A 152 -4.99 7.87 -14.96
C LEU A 152 -5.93 9.05 -15.22
N ARG A 153 -5.88 10.11 -14.39
CA ARG A 153 -6.72 11.28 -14.65
C ARG A 153 -6.27 11.98 -15.92
N ARG A 154 -4.96 12.12 -16.12
CA ARG A 154 -4.48 12.71 -17.37
C ARG A 154 -4.89 11.88 -18.58
N ILE A 155 -4.81 10.55 -18.46
CA ILE A 155 -5.17 9.69 -19.58
C ILE A 155 -6.63 9.86 -19.93
N ARG A 156 -7.51 9.86 -18.92
CA ARG A 156 -8.95 10.00 -19.19
C ARG A 156 -9.27 11.34 -19.84
N GLU A 157 -8.51 12.39 -19.50
CA GLU A 157 -8.63 13.69 -20.17
C GLU A 157 -8.11 13.65 -21.59
N GLY A 158 -7.40 12.58 -21.98
CA GLY A 158 -6.99 12.40 -23.35
C GLY A 158 -5.50 12.33 -23.62
N ALA A 159 -4.67 12.35 -22.58
CA ALA A 159 -3.24 12.19 -22.79
C ALA A 159 -2.95 10.84 -23.45
N ALA A 160 -2.16 10.88 -24.52
CA ALA A 160 -1.79 9.67 -25.24
C ALA A 160 -0.49 9.08 -24.72
N MET A 161 0.18 9.79 -23.82
CA MET A 161 1.50 9.42 -23.38
C MET A 161 1.77 10.12 -22.06
N ILE A 162 2.43 9.42 -21.14
CA ILE A 162 2.62 9.92 -19.79
C ILE A 162 4.11 9.99 -19.49
N ARG A 163 4.53 11.06 -18.80
CA ARG A 163 5.88 11.09 -18.27
C ARG A 163 5.84 11.40 -16.78
N THR A 164 6.87 10.95 -16.05
CA THR A 164 6.99 11.38 -14.66
C THR A 164 7.22 12.88 -14.60
N ARG A 165 6.79 13.50 -13.51
CA ARG A 165 7.12 14.90 -13.32
C ARG A 165 8.61 15.05 -12.99
N GLY A 166 9.14 14.16 -12.15
CA GLY A 166 10.49 14.42 -11.68
C GLY A 166 10.59 15.81 -11.04
N GLU A 167 11.80 16.35 -11.04
CA GLU A 167 12.08 17.71 -10.59
C GLU A 167 12.92 18.35 -11.69
N ALA A 168 12.29 19.15 -12.53
CA ALA A 168 12.91 19.55 -13.78
C ALA A 168 13.91 20.68 -13.56
N GLY A 169 15.01 20.64 -14.30
CA GLY A 169 16.04 21.65 -14.19
C GLY A 169 17.05 21.48 -13.07
N THR A 170 16.97 20.41 -12.27
CA THR A 170 17.88 20.23 -11.13
C THR A 170 19.06 19.30 -11.40
N GLY A 171 18.96 18.43 -12.41
CA GLY A 171 19.95 17.39 -12.57
C GLY A 171 19.92 16.33 -11.48
N ASN A 172 18.86 16.30 -10.67
CA ASN A 172 18.72 15.40 -9.55
C ASN A 172 17.56 14.46 -9.86
N ILE A 173 17.85 13.15 -9.93
CA ILE A 173 16.82 12.19 -10.34
C ILE A 173 15.94 11.71 -9.21
N ILE A 174 16.16 12.18 -7.97
CA ILE A 174 15.49 11.58 -6.81
C ILE A 174 13.97 11.67 -6.94
N GLU A 175 13.44 12.75 -7.50
CA GLU A 175 11.98 12.83 -7.58
C GLU A 175 11.45 11.97 -8.72
N ALA A 176 12.17 11.90 -9.84
CA ALA A 176 11.75 11.00 -10.91
C ALA A 176 11.76 9.55 -10.46
N VAL A 177 12.76 9.15 -9.67
CA VAL A 177 12.77 7.79 -9.14
C VAL A 177 11.56 7.56 -8.24
N ARG A 178 11.23 8.54 -7.39
CA ARG A 178 10.08 8.41 -6.50
C ARG A 178 8.80 8.24 -7.30
N HIS A 179 8.66 9.00 -8.39
CA HIS A 179 7.44 8.95 -9.18
C HIS A 179 7.35 7.67 -9.99
N VAL A 180 8.46 7.24 -10.61
CA VAL A 180 8.48 5.95 -11.30
C VAL A 180 8.08 4.83 -10.35
N ARG A 181 8.75 4.77 -9.18
CA ARG A 181 8.46 3.67 -8.25
C ARG A 181 7.03 3.75 -7.74
N SER A 182 6.51 4.96 -7.53
CA SER A 182 5.13 5.10 -7.08
C SER A 182 4.13 4.58 -8.11
N VAL A 183 4.30 4.95 -9.38
CA VAL A 183 3.36 4.51 -10.43
C VAL A 183 3.47 3.01 -10.66
N ASN A 184 4.67 2.51 -10.94
CA ASN A 184 4.84 1.07 -11.16
C ASN A 184 4.49 0.25 -9.92
N GLY A 185 4.82 0.76 -8.71
CA GLY A 185 4.46 0.03 -7.51
C GLY A 185 2.95 -0.15 -7.34
N ASP A 186 2.19 0.93 -7.57
CA ASP A 186 0.73 0.82 -7.48
C ASP A 186 0.17 -0.05 -8.59
N ILE A 187 0.76 0.03 -9.80
CA ILE A 187 0.31 -0.87 -10.87
C ILE A 187 0.50 -2.33 -10.46
N ARG A 188 1.65 -2.66 -9.85
CA ARG A 188 1.88 -4.03 -9.38
C ARG A 188 0.94 -4.42 -8.25
N VAL A 189 0.67 -3.50 -7.32
CA VAL A 189 -0.36 -3.75 -6.30
C VAL A 189 -1.70 -4.00 -6.97
N LEU A 190 -2.07 -3.15 -7.94
CA LEU A 190 -3.37 -3.28 -8.58
C LEU A 190 -3.49 -4.60 -9.31
N ARG A 191 -2.41 -5.03 -9.99
CA ARG A 191 -2.42 -6.24 -10.81
C ARG A 191 -2.95 -7.46 -10.05
N ASN A 192 -2.54 -7.62 -8.80
CA ASN A 192 -2.87 -8.78 -7.99
C ASN A 192 -4.05 -8.56 -7.05
N MET A 193 -4.63 -7.36 -7.01
CA MET A 193 -5.61 -7.02 -6.00
C MET A 193 -6.89 -7.83 -6.18
N ASP A 194 -7.50 -8.20 -5.04
CA ASP A 194 -8.87 -8.70 -5.05
C ASP A 194 -9.79 -7.74 -5.82
N ASP A 195 -10.56 -8.28 -6.78
CA ASP A 195 -11.41 -7.45 -7.64
C ASP A 195 -12.40 -6.62 -6.83
N ASP A 196 -12.97 -7.20 -5.78
CA ASP A 196 -13.95 -6.51 -4.97
C ASP A 196 -13.36 -5.27 -4.29
N GLU A 197 -12.05 -5.23 -4.09
CA GLU A 197 -11.41 -4.09 -3.44
C GLU A 197 -11.02 -2.97 -4.40
N VAL A 198 -11.15 -3.21 -5.72
CA VAL A 198 -10.66 -2.22 -6.69
C VAL A 198 -11.54 -0.96 -6.71
N PHE A 199 -12.83 -1.09 -6.38
CA PHE A 199 -13.69 0.09 -6.31
C PHE A 199 -13.15 1.10 -5.30
N THR A 200 -12.87 0.64 -4.07
CA THR A 200 -12.33 1.53 -3.04
C THR A 200 -10.95 2.04 -3.45
N PHE A 201 -10.13 1.19 -4.06
CA PHE A 201 -8.83 1.63 -4.56
C PHE A 201 -8.98 2.77 -5.57
N ALA A 202 -9.95 2.67 -6.47
CA ALA A 202 -10.20 3.74 -7.43
C ALA A 202 -10.68 5.02 -6.72
N LYS A 203 -11.57 4.87 -5.73
CA LYS A 203 -11.96 6.01 -4.92
C LYS A 203 -10.75 6.71 -4.32
N LYS A 204 -9.84 5.94 -3.72
CA LYS A 204 -8.70 6.51 -3.01
C LYS A 204 -7.65 7.06 -3.96
N LEU A 205 -7.54 6.55 -5.18
CA LEU A 205 -6.69 7.21 -6.17
C LEU A 205 -7.36 8.44 -6.76
N ALA A 206 -8.64 8.65 -6.48
CA ALA A 206 -9.48 9.57 -7.23
C ALA A 206 -9.22 9.43 -8.73
N ALA A 207 -9.38 8.20 -9.22
CA ALA A 207 -9.11 7.82 -10.60
C ALA A 207 -10.31 7.10 -11.20
N PRO A 208 -10.52 7.22 -12.53
CA PRO A 208 -11.70 6.61 -13.15
C PRO A 208 -11.63 5.09 -13.09
N TYR A 209 -12.68 4.48 -12.54
CA TYR A 209 -12.66 3.05 -12.26
C TYR A 209 -12.35 2.24 -13.52
N ASP A 210 -12.95 2.61 -14.65
CA ASP A 210 -12.75 1.80 -15.85
C ASP A 210 -11.29 1.83 -16.31
N LEU A 211 -10.60 2.97 -16.17
CA LEU A 211 -9.17 3.00 -16.47
C LEU A 211 -8.36 2.22 -15.44
N VAL A 212 -8.80 2.20 -14.18
CA VAL A 212 -8.12 1.39 -13.17
C VAL A 212 -8.22 -0.09 -13.54
N MET A 213 -9.42 -0.55 -13.92
CA MET A 213 -9.61 -1.94 -14.31
C MET A 213 -8.85 -2.27 -15.58
N GLN A 214 -8.79 -1.34 -16.54
CA GLN A 214 -7.97 -1.55 -17.73
C GLN A 214 -6.50 -1.71 -17.36
N THR A 215 -6.02 -0.86 -16.45
CA THR A 215 -4.64 -0.94 -15.99
C THR A 215 -4.39 -2.27 -15.30
N LYS A 216 -5.34 -2.72 -14.48
CA LYS A 216 -5.24 -4.00 -13.81
C LYS A 216 -5.13 -5.15 -14.81
N GLN A 217 -5.91 -5.11 -15.91
CA GLN A 217 -5.89 -6.21 -16.87
C GLN A 217 -4.58 -6.25 -17.65
N LEU A 218 -4.05 -5.09 -18.03
CA LEU A 218 -2.82 -5.04 -18.81
C LEU A 218 -1.59 -5.33 -17.96
N GLY A 219 -1.65 -5.04 -16.66
CA GLY A 219 -0.42 -5.08 -15.88
C GLY A 219 0.53 -3.94 -16.18
N ARG A 220 0.07 -2.89 -16.86
CA ARG A 220 0.88 -1.71 -17.09
C ARG A 220 -0.05 -0.54 -17.41
N LEU A 221 0.54 0.64 -17.52
CA LEU A 221 -0.22 1.81 -17.90
C LEU A 221 -0.74 1.66 -19.33
N PRO A 222 -1.98 2.08 -19.60
CA PRO A 222 -2.56 1.90 -20.95
C PRO A 222 -1.87 2.69 -22.04
N VAL A 223 -0.90 3.54 -21.71
CA VAL A 223 -0.21 4.38 -22.67
C VAL A 223 1.29 4.27 -22.41
N VAL A 224 2.07 4.71 -23.40
CA VAL A 224 3.51 4.84 -23.25
C VAL A 224 3.87 5.71 -22.03
N GLN A 225 4.88 5.28 -21.27
CA GLN A 225 5.24 5.89 -20.00
C GLN A 225 6.76 6.17 -19.98
N PHE A 226 7.12 7.45 -20.05
CA PHE A 226 8.51 7.90 -20.07
C PHE A 226 8.91 8.49 -18.72
N ALA A 227 10.22 8.52 -18.49
CA ALA A 227 10.77 9.20 -17.33
C ALA A 227 11.28 10.56 -17.77
N ALA A 228 11.13 11.56 -16.90
CA ALA A 228 11.60 12.91 -17.18
C ALA A 228 11.94 13.59 -15.86
N GLY A 229 12.82 14.58 -15.95
CA GLY A 229 13.11 15.44 -14.82
C GLY A 229 14.38 15.04 -14.10
N GLY A 230 15.49 15.70 -14.43
CA GLY A 230 16.71 15.52 -13.70
C GLY A 230 17.66 14.47 -14.25
N VAL A 231 17.34 13.84 -15.38
CA VAL A 231 18.20 12.84 -16.00
C VAL A 231 19.44 13.55 -16.52
N ALA A 232 20.58 13.31 -15.88
CA ALA A 232 21.78 14.05 -16.22
C ALA A 232 22.87 13.20 -16.86
N THR A 233 22.91 11.91 -16.58
CA THR A 233 24.00 11.05 -17.00
C THR A 233 23.48 9.82 -17.72
N PRO A 234 24.33 9.13 -18.49
CA PRO A 234 23.91 7.82 -19.03
C PRO A 234 23.41 6.88 -17.95
N ALA A 235 24.04 6.89 -16.76
CA ALA A 235 23.62 6.01 -15.69
C ALA A 235 22.20 6.33 -15.23
N ASP A 236 21.85 7.62 -15.15
CA ASP A 236 20.49 8.03 -14.81
C ASP A 236 19.47 7.47 -15.81
N ALA A 237 19.75 7.64 -17.10
CA ALA A 237 18.80 7.19 -18.12
C ALA A 237 18.60 5.68 -18.07
N ALA A 238 19.70 4.91 -17.99
CA ALA A 238 19.58 3.46 -17.92
C ALA A 238 18.86 3.01 -16.65
N LEU A 239 19.06 3.72 -15.54
CA LEU A 239 18.33 3.43 -14.31
C LEU A 239 16.82 3.56 -14.52
N MET A 240 16.37 4.63 -15.17
CA MET A 240 14.95 4.75 -15.46
C MET A 240 14.45 3.59 -16.32
N MET A 241 15.22 3.18 -17.32
CA MET A 241 14.80 2.04 -18.15
C MET A 241 14.69 0.75 -17.32
N GLN A 242 15.63 0.54 -16.39
CA GLN A 242 15.59 -0.67 -15.56
C GLN A 242 14.47 -0.62 -14.53
N LEU A 243 14.04 0.57 -14.13
CA LEU A 243 12.85 0.69 -13.30
C LEU A 243 11.55 0.50 -14.08
N GLY A 244 11.61 0.33 -15.39
CA GLY A 244 10.46 -0.07 -16.18
C GLY A 244 9.87 1.00 -17.09
N CYS A 245 10.60 2.07 -17.37
CA CYS A 245 10.11 3.12 -18.26
C CYS A 245 10.33 2.72 -19.72
N ASP A 246 9.58 3.36 -20.61
CA ASP A 246 9.67 3.08 -22.04
C ASP A 246 10.69 3.98 -22.74
N GLY A 247 11.16 5.02 -22.08
CA GLY A 247 12.05 5.99 -22.69
C GLY A 247 12.25 7.12 -21.69
N VAL A 248 13.07 8.10 -22.08
CA VAL A 248 13.35 9.21 -21.18
C VAL A 248 13.31 10.54 -21.93
N PHE A 249 12.88 11.59 -21.23
CA PHE A 249 13.09 12.97 -21.66
C PHE A 249 14.37 13.51 -21.03
N VAL A 250 15.14 14.25 -21.82
CA VAL A 250 16.30 15.00 -21.30
C VAL A 250 16.20 16.43 -21.81
N GLY A 251 16.21 17.38 -20.89
CA GLY A 251 16.22 18.75 -21.33
C GLY A 251 17.55 19.40 -21.01
N SER A 252 17.69 19.74 -19.74
CA SER A 252 18.85 20.52 -19.31
C SER A 252 20.12 19.69 -19.31
N GLY A 253 20.02 18.39 -19.01
CA GLY A 253 21.19 17.56 -18.85
C GLY A 253 22.15 17.57 -20.03
N ILE A 254 21.63 17.75 -21.24
CA ILE A 254 22.47 17.65 -22.44
C ILE A 254 23.09 18.98 -22.81
N PHE A 255 22.27 20.03 -22.98
CA PHE A 255 22.81 21.27 -23.52
C PHE A 255 23.33 22.22 -22.45
N LYS A 256 22.98 22.01 -21.18
CA LYS A 256 23.64 22.69 -20.07
C LYS A 256 24.88 21.93 -19.58
N SER A 257 25.64 21.28 -20.45
CA SER A 257 26.84 20.55 -20.05
C SER A 257 27.98 20.89 -21.01
N GLY A 258 29.16 20.34 -20.72
CA GLY A 258 30.37 20.61 -21.47
C GLY A 258 30.28 20.31 -22.95
N ASP A 259 30.03 19.04 -23.29
CA ASP A 259 29.90 18.62 -24.68
C ASP A 259 28.53 17.98 -24.87
N PRO A 260 27.54 18.75 -25.32
CA PRO A 260 26.21 18.16 -25.56
C PRO A 260 26.19 17.14 -26.70
N ALA A 261 26.91 17.38 -27.79
CA ALA A 261 26.83 16.47 -28.92
C ALA A 261 27.31 15.07 -28.56
N ARG A 262 28.37 14.98 -27.74
CA ARG A 262 28.82 13.66 -27.32
C ARG A 262 27.95 13.11 -26.21
N ARG A 263 27.50 13.97 -25.28
CA ARG A 263 26.67 13.50 -24.19
C ARG A 263 25.30 13.07 -24.67
N ALA A 264 24.81 13.69 -25.75
CA ALA A 264 23.53 13.30 -26.34
C ALA A 264 23.60 11.89 -26.89
N ARG A 265 24.66 11.59 -27.63
CA ARG A 265 24.92 10.24 -28.09
C ARG A 265 24.92 9.25 -26.93
N ALA A 266 25.63 9.57 -25.85
CA ALA A 266 25.83 8.60 -24.78
C ALA A 266 24.50 8.23 -24.12
N ILE A 267 23.58 9.19 -24.01
CA ILE A 267 22.32 8.94 -23.34
C ILE A 267 21.39 8.13 -24.23
N VAL A 268 21.42 8.39 -25.55
CA VAL A 268 20.72 7.53 -26.49
C VAL A 268 21.23 6.11 -26.39
N GLN A 269 22.56 5.93 -26.43
N GLN A 269 22.55 5.94 -26.43
CA GLN A 269 23.10 4.59 -26.36
CA GLN A 269 23.14 4.61 -26.35
C GLN A 269 22.80 3.93 -25.03
C GLN A 269 22.78 3.93 -25.03
N ALA A 270 22.77 4.71 -23.94
CA ALA A 270 22.45 4.15 -22.63
C ALA A 270 21.03 3.63 -22.56
N VAL A 271 20.09 4.33 -23.18
CA VAL A 271 18.70 3.87 -23.19
C VAL A 271 18.56 2.65 -24.08
N THR A 272 19.27 2.61 -25.21
CA THR A 272 19.24 1.44 -26.07
C THR A 272 19.84 0.22 -25.38
N HIS A 273 20.91 0.43 -24.60
CA HIS A 273 21.67 -0.67 -24.01
C HIS A 273 21.58 -0.66 -22.50
N TYR A 274 20.38 -0.41 -21.97
CA TYR A 274 20.26 -0.09 -20.55
C TYR A 274 20.68 -1.23 -19.63
N SER A 275 20.68 -2.47 -20.11
CA SER A 275 21.01 -3.62 -19.26
C SER A 275 22.42 -4.16 -19.54
N ASP A 276 23.26 -3.38 -20.21
CA ASP A 276 24.60 -3.81 -20.63
C ASP A 276 25.61 -2.92 -19.92
N PRO A 277 26.10 -3.31 -18.74
CA PRO A 277 27.01 -2.44 -18.00
C PRO A 277 28.30 -2.14 -18.74
N GLU A 278 28.81 -3.07 -19.55
CA GLU A 278 30.02 -2.78 -20.30
C GLU A 278 29.79 -1.62 -21.26
N MET A 279 28.66 -1.60 -21.94
CA MET A 279 28.31 -0.47 -22.80
C MET A 279 28.16 0.82 -21.99
N LEU A 280 27.49 0.74 -20.84
CA LEU A 280 27.31 1.94 -20.00
C LEU A 280 28.65 2.53 -19.57
N VAL A 281 29.63 1.68 -19.28
CA VAL A 281 30.97 2.18 -18.98
C VAL A 281 31.53 2.91 -20.18
N GLU A 282 31.38 2.31 -21.37
CA GLU A 282 31.96 2.87 -22.59
C GLU A 282 31.45 4.28 -22.86
N VAL A 283 30.13 4.47 -22.76
CA VAL A 283 29.59 5.78 -23.10
C VAL A 283 29.75 6.80 -21.98
N SER A 284 29.94 6.34 -20.74
CA SER A 284 30.20 7.27 -19.64
C SER A 284 31.63 7.75 -19.61
N CYS A 285 32.56 7.02 -20.22
CA CYS A 285 33.98 7.21 -20.02
C CYS A 285 34.44 8.51 -20.67
N GLY A 286 35.03 9.40 -19.87
CA GLY A 286 35.54 10.68 -20.34
C GLY A 286 34.48 11.54 -21.00
N LEU A 287 33.32 11.63 -20.36
CA LEU A 287 32.17 12.30 -20.95
C LEU A 287 32.11 13.80 -20.61
N GLY A 288 33.08 14.33 -19.88
CA GLY A 288 33.09 15.74 -19.56
C GLY A 288 32.11 16.10 -18.47
N GLU A 289 32.13 17.37 -18.09
CA GLU A 289 31.34 17.84 -16.96
C GLU A 289 29.84 17.74 -17.24
N ALA A 290 29.09 17.25 -16.25
CA ALA A 290 27.64 17.25 -16.31
C ALA A 290 27.09 18.57 -15.76
N MET A 291 25.80 18.81 -16.01
CA MET A 291 25.15 20.05 -15.61
C MET A 291 25.25 20.27 -14.09
N SER B 21 29.78 -13.45 -5.95
N SER B 21 28.90 -19.43 1.68
CA SER B 21 30.46 -14.15 -4.86
CA SER B 21 28.18 -18.32 1.06
C SER B 21 29.50 -14.49 -3.73
C SER B 21 29.10 -17.53 0.14
N PRO B 22 29.79 -15.54 -2.98
N PRO B 22 28.57 -17.06 -0.99
CA PRO B 22 29.05 -15.76 -1.73
CA PRO B 22 29.25 -15.97 -1.70
C PRO B 22 29.24 -14.61 -0.77
C PRO B 22 29.28 -14.67 -0.92
N PHE B 23 28.24 -14.40 0.10
N PHE B 23 28.35 -14.47 0.03
CA PHE B 23 28.31 -13.28 1.04
CA PHE B 23 28.43 -13.29 0.90
C PHE B 23 29.51 -13.40 1.96
C PHE B 23 29.58 -13.42 1.88
N SER B 24 29.83 -14.63 2.40
CA SER B 24 30.96 -14.82 3.29
C SER B 24 32.28 -14.55 2.59
N VAL B 25 32.36 -14.80 1.29
CA VAL B 25 33.58 -14.46 0.55
C VAL B 25 33.76 -12.94 0.50
N LYS B 26 32.67 -12.20 0.28
CA LYS B 26 32.73 -10.74 0.31
C LYS B 26 33.11 -10.22 1.69
N VAL B 27 32.49 -10.78 2.74
CA VAL B 27 32.84 -10.42 4.10
C VAL B 27 34.33 -10.68 4.36
N GLY B 28 34.85 -11.78 3.80
CA GLY B 28 36.26 -12.09 3.95
C GLY B 28 37.19 -11.10 3.26
N LEU B 29 36.78 -10.56 2.11
CA LEU B 29 37.62 -9.58 1.41
C LEU B 29 37.78 -8.31 2.25
N ALA B 30 36.68 -7.81 2.81
CA ALA B 30 36.75 -6.60 3.61
C ALA B 30 37.54 -6.82 4.90
N GLN B 31 37.53 -8.05 5.43
CA GLN B 31 38.31 -8.35 6.63
C GLN B 31 39.80 -8.06 6.44
N MET B 32 40.33 -8.23 5.22
CA MET B 32 41.76 -7.98 5.09
C MET B 32 42.11 -6.49 5.13
N LEU B 33 41.12 -5.60 5.26
CA LEU B 33 41.37 -4.19 5.46
C LEU B 33 41.51 -3.83 6.93
N ARG B 34 41.30 -4.80 7.83
CA ARG B 34 41.45 -4.58 9.27
C ARG B 34 42.74 -3.85 9.59
N GLY B 35 42.64 -2.86 10.46
CA GLY B 35 43.81 -2.12 10.90
C GLY B 35 44.35 -1.14 9.90
N GLY B 36 43.60 -0.81 8.85
CA GLY B 36 44.05 0.09 7.81
C GLY B 36 43.33 1.44 7.84
N VAL B 37 43.86 2.35 7.02
CA VAL B 37 43.27 3.66 6.76
C VAL B 37 42.91 3.73 5.29
N ILE B 38 41.67 4.10 4.99
CA ILE B 38 41.21 4.33 3.62
C ILE B 38 41.14 5.83 3.38
N MET B 39 41.79 6.29 2.31
CA MET B 39 41.93 7.72 2.04
C MET B 39 41.21 8.09 0.74
N ASP B 40 40.46 9.20 0.80
CA ASP B 40 39.85 9.75 -0.41
C ASP B 40 40.92 10.41 -1.27
N VAL B 41 40.83 10.19 -2.58
CA VAL B 41 41.79 10.74 -3.53
C VAL B 41 41.02 11.26 -4.73
N VAL B 42 41.60 12.25 -5.41
CA VAL B 42 40.97 12.84 -6.60
C VAL B 42 41.86 12.75 -7.84
N ASN B 43 43.11 12.31 -7.73
CA ASN B 43 43.95 12.10 -8.90
C ASN B 43 44.97 11.03 -8.59
N ALA B 44 45.70 10.62 -9.64
CA ALA B 44 46.76 9.64 -9.45
C ALA B 44 47.85 10.18 -8.54
N GLU B 45 48.07 11.49 -8.54
CA GLU B 45 49.09 12.07 -7.67
C GLU B 45 48.72 11.87 -6.20
N GLN B 46 47.52 12.29 -5.80
CA GLN B 46 47.04 11.99 -4.46
C GLN B 46 47.01 10.49 -4.19
N ALA B 47 46.76 9.68 -5.23
CA ALA B 47 46.63 8.25 -5.05
C ALA B 47 47.94 7.63 -4.61
N ARG B 48 49.05 8.03 -5.24
CA ARG B 48 50.35 7.44 -4.89
C ARG B 48 50.79 7.86 -3.50
N ILE B 49 50.60 9.14 -3.16
CA ILE B 49 50.91 9.59 -1.80
C ILE B 49 50.18 8.72 -0.78
N ALA B 50 48.90 8.45 -1.03
CA ALA B 50 48.12 7.65 -0.09
C ALA B 50 48.70 6.24 0.05
N GLU B 51 49.06 5.62 -1.07
CA GLU B 51 49.64 4.28 -1.01
C GLU B 51 51.02 4.29 -0.36
N GLU B 52 51.82 5.32 -0.65
CA GLU B 52 53.16 5.38 -0.11
C GLU B 52 53.17 5.70 1.39
N ALA B 53 52.13 6.35 1.90
CA ALA B 53 51.97 6.55 3.33
C ALA B 53 51.44 5.31 4.05
N GLY B 54 51.05 4.26 3.33
CA GLY B 54 50.57 3.04 3.95
C GLY B 54 49.07 2.88 4.04
N ALA B 55 48.29 3.64 3.28
CA ALA B 55 46.85 3.42 3.23
C ALA B 55 46.55 1.99 2.80
N CYS B 56 45.48 1.42 3.36
CA CYS B 56 45.10 0.07 2.97
C CYS B 56 44.22 0.06 1.73
N ALA B 57 43.61 1.19 1.37
CA ALA B 57 42.88 1.35 0.13
C ALA B 57 42.71 2.83 -0.13
N VAL B 58 42.31 3.16 -1.35
CA VAL B 58 41.94 4.53 -1.68
C VAL B 58 40.52 4.55 -2.17
N MET B 59 39.85 5.66 -1.90
CA MET B 59 38.48 5.93 -2.30
C MET B 59 38.54 6.96 -3.41
N ALA B 60 38.18 6.56 -4.63
CA ALA B 60 38.24 7.46 -5.76
C ALA B 60 36.97 8.32 -5.81
N LEU B 61 37.15 9.64 -5.78
CA LEU B 61 36.02 10.55 -5.99
C LEU B 61 36.54 11.82 -6.66
N GLU B 62 35.62 12.57 -7.26
CA GLU B 62 35.99 13.81 -7.91
C GLU B 62 35.87 15.02 -7.00
N ARG B 63 35.24 14.90 -5.83
CA ARG B 63 35.19 16.00 -4.85
C ARG B 63 35.19 15.41 -3.43
N VAL B 64 36.12 15.88 -2.59
CA VAL B 64 36.17 15.39 -1.20
C VAL B 64 34.95 15.90 -0.44
N PRO B 65 34.52 15.22 0.63
CA PRO B 65 33.28 15.63 1.31
C PRO B 65 33.28 17.08 1.81
N ALA B 66 34.43 17.65 2.18
CA ALA B 66 34.46 19.04 2.63
C ALA B 66 34.12 20.01 1.50
N ASP B 67 34.40 19.65 0.25
CA ASP B 67 34.05 20.50 -0.89
C ASP B 67 32.62 20.29 -1.36
N ILE B 68 32.08 19.08 -1.20
CA ILE B 68 30.69 18.83 -1.55
C ILE B 68 29.77 19.62 -0.64
N ARG B 69 30.10 19.66 0.65
CA ARG B 69 29.32 20.44 1.62
C ARG B 69 29.37 21.92 1.30
N ALA B 70 30.55 22.43 0.94
CA ALA B 70 30.71 23.87 0.74
C ALA B 70 30.05 24.35 -0.55
N GLN B 71 30.31 23.66 -1.66
CA GLN B 71 29.88 24.13 -2.96
C GLN B 71 28.45 23.74 -3.30
N GLY B 72 27.89 22.73 -2.63
CA GLY B 72 26.58 22.25 -3.03
C GLY B 72 26.65 21.59 -4.40
N GLY B 73 25.52 21.62 -5.11
CA GLY B 73 25.37 20.96 -6.39
C GLY B 73 25.18 19.46 -6.25
N VAL B 74 24.66 18.84 -7.31
CA VAL B 74 24.45 17.39 -7.28
C VAL B 74 25.78 16.68 -7.34
N ALA B 75 26.01 15.75 -6.41
CA ALA B 75 27.22 14.95 -6.36
C ALA B 75 26.90 13.54 -6.80
N ARG B 76 27.63 13.03 -7.80
CA ARG B 76 27.32 11.76 -8.43
C ARG B 76 28.57 10.88 -8.46
N MET B 77 28.41 9.65 -8.96
CA MET B 77 29.55 8.79 -9.27
C MET B 77 30.57 9.55 -10.10
N SER B 78 31.85 9.32 -9.84
CA SER B 78 32.91 9.95 -10.61
C SER B 78 32.98 9.38 -12.03
N ASP B 79 33.61 10.14 -12.91
CA ASP B 79 33.82 9.70 -14.30
C ASP B 79 34.65 8.42 -14.32
N PRO B 80 34.17 7.34 -14.97
CA PRO B 80 34.99 6.13 -15.13
C PRO B 80 36.44 6.38 -15.53
N GLN B 81 36.66 7.38 -16.38
CA GLN B 81 38.02 7.68 -16.81
C GLN B 81 38.93 7.98 -15.62
N MET B 82 38.49 8.86 -14.71
CA MET B 82 39.37 9.22 -13.59
C MET B 82 39.51 8.07 -12.60
N ILE B 83 38.47 7.24 -12.46
CA ILE B 83 38.57 6.06 -11.61
C ILE B 83 39.61 5.10 -12.17
N LYS B 84 39.64 4.93 -13.49
CA LYS B 84 40.62 4.05 -14.10
C LYS B 84 42.04 4.55 -13.89
N GLU B 85 42.25 5.86 -14.01
CA GLU B 85 43.59 6.41 -13.82
C GLU B 85 44.11 6.11 -12.41
N ILE B 86 43.24 6.21 -11.42
CA ILE B 86 43.62 5.89 -10.04
C ILE B 86 43.86 4.39 -9.90
N LYS B 87 43.04 3.57 -10.55
CA LYS B 87 43.17 2.11 -10.45
C LYS B 87 44.52 1.64 -10.99
N GLN B 88 45.00 2.27 -12.08
CA GLN B 88 46.31 1.95 -12.63
C GLN B 88 47.45 2.55 -11.82
N ALA B 89 47.20 3.60 -11.05
CA ALA B 89 48.28 4.31 -10.39
C ALA B 89 48.76 3.60 -9.13
N VAL B 90 48.00 2.66 -8.58
CA VAL B 90 48.30 2.02 -7.31
C VAL B 90 48.03 0.53 -7.40
N THR B 91 48.60 -0.22 -6.45
CA THR B 91 48.35 -1.65 -6.33
C THR B 91 47.44 -2.02 -5.18
N ILE B 92 47.19 -1.10 -4.23
CA ILE B 92 46.25 -1.36 -3.14
C ILE B 92 44.82 -1.31 -3.68
N PRO B 93 43.83 -1.84 -2.95
CA PRO B 93 42.46 -1.85 -3.48
C PRO B 93 41.90 -0.44 -3.69
N VAL B 94 41.04 -0.32 -4.70
CA VAL B 94 40.41 0.94 -5.08
C VAL B 94 38.91 0.83 -4.84
N MET B 95 38.35 1.81 -4.13
CA MET B 95 36.92 1.93 -3.91
C MET B 95 36.38 3.16 -4.59
N ALA B 96 35.06 3.18 -4.79
CA ALA B 96 34.41 4.35 -5.37
C ALA B 96 32.99 4.46 -4.82
N LYS B 97 32.47 5.68 -4.85
CA LYS B 97 31.15 5.97 -4.34
C LYS B 97 30.09 5.85 -5.42
N ALA B 98 28.93 5.31 -5.04
CA ALA B 98 27.70 5.38 -5.80
C ALA B 98 26.62 6.05 -4.95
N ARG B 99 25.72 6.77 -5.59
CA ARG B 99 24.66 7.40 -4.82
C ARG B 99 23.75 6.32 -4.24
N ILE B 100 23.16 6.63 -3.08
CA ILE B 100 22.27 5.67 -2.44
C ILE B 100 21.10 5.34 -3.36
N GLY B 101 20.88 4.05 -3.61
CA GLY B 101 19.80 3.58 -4.45
C GLY B 101 20.11 3.56 -5.93
N HIS B 102 21.24 4.11 -6.35
CA HIS B 102 21.58 4.18 -7.77
C HIS B 102 22.32 2.89 -8.14
N PHE B 103 21.53 1.84 -8.38
CA PHE B 103 22.12 0.54 -8.69
C PHE B 103 22.77 0.51 -10.06
N VAL B 104 22.40 1.42 -10.96
CA VAL B 104 23.09 1.45 -12.24
C VAL B 104 24.46 2.08 -12.10
N GLU B 105 24.60 3.12 -11.28
CA GLU B 105 25.94 3.62 -10.98
C GLU B 105 26.82 2.51 -10.42
N ALA B 106 26.25 1.64 -9.61
CA ALA B 106 27.00 0.53 -9.05
C ALA B 106 27.30 -0.54 -10.10
N GLN B 107 26.42 -0.72 -11.09
CA GLN B 107 26.73 -1.66 -12.16
C GLN B 107 27.90 -1.16 -12.98
N ILE B 108 27.98 0.15 -13.20
CA ILE B 108 29.09 0.70 -13.97
C ILE B 108 30.41 0.56 -13.20
N LEU B 109 30.40 0.93 -11.91
CA LEU B 109 31.61 0.81 -11.11
C LEU B 109 32.13 -0.62 -11.09
N GLU B 110 31.23 -1.59 -10.87
CA GLU B 110 31.64 -2.99 -10.85
C GLU B 110 32.21 -3.41 -12.20
N ALA B 111 31.63 -2.92 -13.29
CA ALA B 111 32.15 -3.23 -14.63
C ALA B 111 33.47 -2.53 -14.93
N ILE B 112 33.79 -1.43 -14.24
CA ILE B 112 35.11 -0.82 -14.39
C ILE B 112 36.21 -1.71 -13.81
N GLY B 113 35.86 -2.56 -12.85
CA GLY B 113 36.81 -3.47 -12.26
C GLY B 113 37.45 -3.00 -10.97
N ILE B 114 36.75 -2.20 -10.18
CA ILE B 114 37.31 -1.78 -8.92
C ILE B 114 36.96 -2.81 -7.86
N ASP B 115 37.41 -2.58 -6.63
CA ASP B 115 37.36 -3.62 -5.62
C ASP B 115 36.20 -3.45 -4.64
N TYR B 116 35.79 -2.22 -4.35
CA TYR B 116 34.67 -1.98 -3.45
C TYR B 116 33.84 -0.83 -3.98
N ILE B 117 32.55 -0.86 -3.64
CA ILE B 117 31.64 0.24 -3.90
C ILE B 117 31.16 0.74 -2.55
N ASP B 118 31.22 2.05 -2.36
CA ASP B 118 30.65 2.69 -1.18
C ASP B 118 29.33 3.33 -1.60
N GLU B 119 28.23 2.74 -1.15
CA GLU B 119 26.91 3.35 -1.34
C GLU B 119 26.80 4.47 -0.31
N SER B 120 27.07 5.70 -0.75
CA SER B 120 27.52 6.78 0.14
C SER B 120 26.46 7.87 0.28
N GLU B 121 26.21 8.27 1.52
CA GLU B 121 25.35 9.40 1.77
C GLU B 121 26.04 10.73 1.54
N VAL B 122 27.35 10.76 1.24
CA VAL B 122 27.92 12.07 0.95
C VAL B 122 27.65 12.50 -0.48
N LEU B 123 27.30 11.57 -1.37
CA LEU B 123 26.72 11.94 -2.65
C LEU B 123 25.23 12.23 -2.49
N THR B 124 24.64 12.85 -3.53
CA THR B 124 23.22 13.18 -3.49
C THR B 124 22.37 11.92 -3.53
N LEU B 125 21.48 11.80 -2.56
CA LEU B 125 20.54 10.67 -2.50
C LEU B 125 19.79 10.50 -3.83
N ALA B 126 19.80 9.28 -4.36
CA ALA B 126 19.08 9.03 -5.62
C ALA B 126 17.73 8.36 -5.43
N ASP B 127 17.55 7.63 -4.33
CA ASP B 127 16.30 6.92 -4.04
C ASP B 127 16.06 7.12 -2.56
N GLU B 128 15.01 7.88 -2.21
CA GLU B 128 14.76 8.20 -0.81
C GLU B 128 14.26 7.01 0.00
N ASP B 129 13.68 5.99 -0.64
CA ASP B 129 13.01 4.92 0.08
C ASP B 129 13.70 3.57 0.03
N HIS B 130 14.69 3.36 -0.85
CA HIS B 130 15.33 2.05 -0.99
C HIS B 130 16.82 2.22 -1.24
N HIS B 131 17.60 1.30 -0.68
CA HIS B 131 19.02 1.20 -1.01
C HIS B 131 19.22 0.19 -2.15
N ILE B 132 20.45 0.19 -2.70
CA ILE B 132 20.81 -0.80 -3.70
C ILE B 132 20.67 -2.20 -3.12
N ASN B 133 20.19 -3.12 -3.94
CA ASN B 133 20.12 -4.54 -3.60
C ASN B 133 21.53 -5.12 -3.81
N LYS B 134 22.34 -5.09 -2.75
CA LYS B 134 23.77 -5.35 -2.91
C LYS B 134 24.08 -6.83 -3.12
N HIS B 135 23.15 -7.74 -2.81
CA HIS B 135 23.38 -9.15 -3.13
C HIS B 135 23.41 -9.42 -4.63
N ASN B 136 22.91 -8.51 -5.47
CA ASN B 136 22.91 -8.70 -6.93
C ASN B 136 24.27 -8.46 -7.58
N PHE B 137 25.31 -8.21 -6.79
CA PHE B 137 26.60 -7.79 -7.32
C PHE B 137 27.68 -8.77 -6.90
N ARG B 138 28.75 -8.81 -7.69
CA ARG B 138 29.89 -9.66 -7.34
C ARG B 138 30.80 -8.99 -6.32
N ILE B 139 30.92 -7.66 -6.38
CA ILE B 139 31.96 -7.03 -5.58
C ILE B 139 31.36 -6.47 -4.29
N PRO B 140 32.16 -6.33 -3.24
CA PRO B 140 31.63 -5.95 -1.92
C PRO B 140 31.28 -4.46 -1.84
N PHE B 141 30.25 -4.18 -1.04
CA PHE B 141 29.81 -2.83 -0.76
C PHE B 141 30.16 -2.43 0.67
N VAL B 142 30.47 -1.14 0.84
CA VAL B 142 30.43 -0.45 2.12
C VAL B 142 29.17 0.40 2.18
N CYS B 143 28.50 0.40 3.35
CA CYS B 143 27.37 1.27 3.65
C CYS B 143 27.62 2.00 4.95
N GLY B 144 27.00 3.19 5.09
CA GLY B 144 27.09 3.94 6.33
C GLY B 144 26.00 3.54 7.32
N CYS B 145 26.15 3.99 8.57
CA CYS B 145 25.11 3.79 9.56
C CYS B 145 25.30 4.78 10.69
N ARG B 146 24.23 4.97 11.46
CA ARG B 146 24.24 5.76 12.68
C ARG B 146 23.88 4.95 13.91
N ASN B 147 23.41 3.72 13.74
CA ASN B 147 23.00 2.89 14.86
C ASN B 147 22.98 1.43 14.40
N LEU B 148 22.79 0.53 15.36
CA LEU B 148 22.87 -0.90 15.07
C LEU B 148 21.75 -1.33 14.10
N GLY B 149 20.52 -0.86 14.31
CA GLY B 149 19.44 -1.21 13.40
C GLY B 149 19.76 -0.87 11.96
N GLU B 150 20.24 0.36 11.74
CA GLU B 150 20.68 0.78 10.41
C GLU B 150 21.77 -0.14 9.85
N ALA B 151 22.76 -0.47 10.69
CA ALA B 151 23.86 -1.33 10.24
C ALA B 151 23.34 -2.68 9.78
N LEU B 152 22.47 -3.29 10.58
CA LEU B 152 21.95 -4.61 10.27
C LEU B 152 21.06 -4.58 9.04
N ARG B 153 20.28 -3.50 8.84
CA ARG B 153 19.48 -3.42 7.62
C ARG B 153 20.36 -3.33 6.38
N ARG B 154 21.43 -2.52 6.43
CA ARG B 154 22.36 -2.48 5.31
C ARG B 154 23.00 -3.85 5.07
N ILE B 155 23.40 -4.54 6.14
CA ILE B 155 23.99 -5.86 5.99
C ILE B 155 23.01 -6.83 5.35
N ARG B 156 21.74 -6.80 5.77
CA ARG B 156 20.77 -7.72 5.20
C ARG B 156 20.57 -7.45 3.72
N GLU B 157 20.68 -6.20 3.30
CA GLU B 157 20.62 -5.84 1.88
C GLU B 157 21.84 -6.31 1.12
N GLY B 158 22.92 -6.70 1.81
CA GLY B 158 24.12 -7.20 1.18
C GLY B 158 25.40 -6.43 1.42
N ALA B 159 25.41 -5.34 2.20
CA ALA B 159 26.68 -4.68 2.49
C ALA B 159 27.64 -5.65 3.19
N ALA B 160 28.90 -5.64 2.77
CA ALA B 160 29.90 -6.51 3.39
C ALA B 160 30.78 -5.76 4.37
N MET B 161 30.57 -4.46 4.55
CA MET B 161 31.37 -3.61 5.41
C MET B 161 30.54 -2.40 5.79
N ILE B 162 30.65 -1.98 7.04
CA ILE B 162 29.88 -0.88 7.58
C ILE B 162 30.83 0.22 8.04
N ARG B 163 30.46 1.46 7.80
CA ARG B 163 31.16 2.57 8.45
C ARG B 163 30.15 3.46 9.15
N THR B 164 30.59 4.11 10.23
CA THR B 164 29.74 5.14 10.82
C THR B 164 29.54 6.26 9.81
N ARG B 165 28.33 6.79 9.75
CA ARG B 165 28.10 7.96 8.91
C ARG B 165 28.93 9.14 9.39
N GLY B 166 29.06 9.30 10.71
CA GLY B 166 29.67 10.51 11.25
C GLY B 166 29.06 11.75 10.61
N GLU B 167 29.87 12.78 10.43
CA GLU B 167 29.44 14.02 9.78
C GLU B 167 30.55 14.44 8.82
N ALA B 168 30.39 14.07 7.55
CA ALA B 168 31.51 14.17 6.62
C ALA B 168 31.80 15.62 6.25
N GLY B 169 33.09 15.93 6.09
CA GLY B 169 33.51 17.23 5.64
C GLY B 169 33.56 18.34 6.67
N THR B 170 33.47 18.02 7.98
CA THR B 170 33.51 19.04 9.02
C THR B 170 34.75 19.01 9.90
N GLY B 171 35.54 17.94 9.84
CA GLY B 171 36.66 17.79 10.76
C GLY B 171 36.26 17.66 12.21
N ASN B 172 35.02 17.25 12.47
CA ASN B 172 34.46 17.21 13.82
C ASN B 172 34.02 15.78 14.09
N ILE B 173 34.67 15.12 15.06
CA ILE B 173 34.43 13.69 15.26
C ILE B 173 33.21 13.42 16.13
N ILE B 174 32.48 14.45 16.57
CA ILE B 174 31.45 14.25 17.58
C ILE B 174 30.37 13.29 17.09
N GLU B 175 29.95 13.40 15.82
CA GLU B 175 28.89 12.50 15.34
C GLU B 175 29.39 11.08 15.18
N ALA B 176 30.62 10.93 14.66
CA ALA B 176 31.24 9.62 14.56
C ALA B 176 31.35 8.93 15.92
N VAL B 177 31.75 9.68 16.96
CA VAL B 177 31.83 9.09 18.30
C VAL B 177 30.44 8.62 18.76
N ARG B 178 29.42 9.47 18.54
CA ARG B 178 28.04 9.09 18.87
C ARG B 178 27.63 7.81 18.16
N HIS B 179 27.94 7.71 16.87
CA HIS B 179 27.54 6.54 16.10
C HIS B 179 28.31 5.29 16.52
N VAL B 180 29.63 5.41 16.68
CA VAL B 180 30.42 4.28 17.16
C VAL B 180 29.87 3.80 18.51
N ARG B 181 29.64 4.74 19.43
CA ARG B 181 29.18 4.36 20.75
C ARG B 181 27.78 3.75 20.71
N SER B 182 26.88 4.28 19.87
CA SER B 182 25.55 3.72 19.75
C SER B 182 25.59 2.28 19.21
N VAL B 183 26.33 2.05 18.12
CA VAL B 183 26.43 0.69 17.57
C VAL B 183 27.05 -0.27 18.57
N ASN B 184 28.24 0.07 19.08
CA ASN B 184 28.92 -0.80 20.03
C ASN B 184 28.13 -0.97 21.31
N GLY B 185 27.44 0.09 21.74
CA GLY B 185 26.67 0.01 22.97
C GLY B 185 25.53 -0.99 22.85
N ASP B 186 24.79 -0.92 21.73
CA ASP B 186 23.67 -1.84 21.54
C ASP B 186 24.15 -3.26 21.29
N ILE B 187 25.31 -3.43 20.66
CA ILE B 187 25.91 -4.77 20.57
C ILE B 187 26.20 -5.32 21.96
N ARG B 188 26.76 -4.50 22.86
CA ARG B 188 27.05 -4.96 24.23
C ARG B 188 25.77 -5.30 24.98
N VAL B 189 24.70 -4.54 24.73
CA VAL B 189 23.40 -4.85 25.34
C VAL B 189 22.91 -6.23 24.91
N LEU B 190 23.17 -6.59 23.66
CA LEU B 190 22.72 -7.87 23.13
C LEU B 190 23.33 -9.06 23.87
N ARG B 191 24.57 -8.93 24.31
CA ARG B 191 25.33 -10.11 24.77
C ARG B 191 24.67 -10.80 25.97
N ASN B 192 24.31 -10.03 27.01
CA ASN B 192 23.67 -10.59 28.19
C ASN B 192 22.14 -10.61 28.13
N MET B 193 21.54 -10.16 27.04
CA MET B 193 20.08 -10.05 26.96
C MET B 193 19.42 -11.43 27.06
N ASP B 194 18.35 -11.50 27.84
CA ASP B 194 17.45 -12.64 27.82
C ASP B 194 17.03 -12.98 26.38
N ASP B 195 17.14 -14.27 26.01
CA ASP B 195 16.81 -14.71 24.65
C ASP B 195 15.37 -14.38 24.29
N ASP B 196 14.46 -14.51 25.25
CA ASP B 196 13.05 -14.26 24.99
C ASP B 196 12.80 -12.79 24.65
N GLU B 197 13.62 -11.88 25.15
CA GLU B 197 13.45 -10.45 24.90
C GLU B 197 14.03 -10.01 23.56
N VAL B 198 14.77 -10.87 22.87
CA VAL B 198 15.44 -10.45 21.65
C VAL B 198 14.46 -10.20 20.49
N PHE B 199 13.31 -10.89 20.47
CA PHE B 199 12.34 -10.61 19.42
C PHE B 199 11.88 -9.15 19.48
N THR B 200 11.52 -8.68 20.67
CA THR B 200 11.08 -7.29 20.81
C THR B 200 12.22 -6.32 20.51
N PHE B 201 13.44 -6.68 20.92
CA PHE B 201 14.59 -5.82 20.61
C PHE B 201 14.79 -5.70 19.10
N ALA B 202 14.62 -6.80 18.36
CA ALA B 202 14.71 -6.76 16.90
C ALA B 202 13.62 -5.87 16.30
N LYS B 203 12.39 -5.98 16.80
CA LYS B 203 11.31 -5.09 16.39
C LYS B 203 11.69 -3.63 16.62
N LYS B 204 12.21 -3.32 17.82
CA LYS B 204 12.51 -1.94 18.14
C LYS B 204 13.65 -1.38 17.30
N LEU B 205 14.63 -2.21 16.95
CA LEU B 205 15.68 -1.76 16.05
C LEU B 205 15.24 -1.73 14.60
N ALA B 206 14.03 -2.22 14.28
CA ALA B 206 13.59 -2.46 12.91
C ALA B 206 14.66 -3.20 12.11
N ALA B 207 15.16 -4.29 12.70
CA ALA B 207 16.28 -5.05 12.14
C ALA B 207 15.92 -6.51 12.05
N PRO B 208 16.43 -7.23 11.06
CA PRO B 208 16.05 -8.66 10.92
C PRO B 208 16.56 -9.48 12.08
N TYR B 209 15.70 -10.35 12.60
CA TYR B 209 15.96 -11.04 13.85
C TYR B 209 17.20 -11.95 13.76
N ASP B 210 17.40 -12.63 12.63
CA ASP B 210 18.53 -13.55 12.53
C ASP B 210 19.87 -12.83 12.51
N LEU B 211 19.95 -11.62 11.95
CA LEU B 211 21.19 -10.86 12.06
C LEU B 211 21.38 -10.29 13.47
N VAL B 212 20.28 -10.06 14.18
CA VAL B 212 20.40 -9.69 15.59
C VAL B 212 20.95 -10.86 16.40
N MET B 213 20.41 -12.06 16.17
CA MET B 213 20.96 -13.24 16.84
C MET B 213 22.41 -13.48 16.45
N GLN B 214 22.73 -13.33 15.16
CA GLN B 214 24.12 -13.50 14.75
C GLN B 214 25.02 -12.50 15.48
N THR B 215 24.58 -11.25 15.59
CA THR B 215 25.34 -10.24 16.33
C THR B 215 25.47 -10.62 17.80
N LYS B 216 24.39 -11.16 18.39
CA LYS B 216 24.46 -11.64 19.75
C LYS B 216 25.48 -12.77 19.88
N GLN B 217 25.49 -13.70 18.93
CA GLN B 217 26.40 -14.84 19.03
C GLN B 217 27.85 -14.41 18.84
N LEU B 218 28.12 -13.50 17.90
CA LEU B 218 29.50 -13.08 17.67
C LEU B 218 30.01 -12.14 18.77
N GLY B 219 29.12 -11.41 19.44
CA GLY B 219 29.61 -10.36 20.32
C GLY B 219 30.21 -9.17 19.60
N ARG B 220 30.00 -9.04 18.30
CA ARG B 220 30.49 -7.93 17.49
C ARG B 220 29.64 -7.87 16.22
N LEU B 221 29.89 -6.85 15.39
CA LEU B 221 29.18 -6.74 14.12
C LEU B 221 29.57 -7.88 13.18
N PRO B 222 28.60 -8.47 12.46
CA PRO B 222 28.92 -9.60 11.57
C PRO B 222 29.80 -9.23 10.39
N VAL B 223 30.14 -7.96 10.19
CA VAL B 223 31.02 -7.52 9.12
C VAL B 223 32.02 -6.53 9.72
N VAL B 224 33.07 -6.24 8.94
CA VAL B 224 34.02 -5.20 9.30
C VAL B 224 33.31 -3.86 9.54
N GLN B 225 33.80 -3.10 10.52
CA GLN B 225 33.17 -1.87 10.98
C GLN B 225 34.22 -0.77 11.10
N PHE B 226 34.19 0.20 10.19
CA PHE B 226 35.14 1.30 10.16
C PHE B 226 34.49 2.59 10.67
N ALA B 227 35.32 3.49 11.16
CA ALA B 227 34.87 4.82 11.54
C ALA B 227 35.11 5.78 10.37
N ALA B 228 34.18 6.70 10.18
CA ALA B 228 34.26 7.68 9.11
C ALA B 228 33.52 8.92 9.55
N GLY B 229 34.01 10.07 9.11
CA GLY B 229 33.32 11.32 9.37
C GLY B 229 34.09 12.17 10.34
N GLY B 230 34.80 13.16 9.83
CA GLY B 230 35.42 14.15 10.68
C GLY B 230 36.71 13.73 11.34
N VAL B 231 37.31 12.61 10.93
CA VAL B 231 38.61 12.21 11.45
C VAL B 231 39.66 13.17 10.90
N ALA B 232 40.18 14.04 11.77
CA ALA B 232 41.08 15.10 11.31
C ALA B 232 42.51 14.95 11.79
N THR B 233 42.76 14.25 12.89
CA THR B 233 44.07 14.19 13.51
C THR B 233 44.43 12.75 13.84
N PRO B 234 45.71 12.46 14.05
CA PRO B 234 46.08 11.14 14.60
C PRO B 234 45.31 10.79 15.85
N ALA B 235 45.12 11.74 16.77
CA ALA B 235 44.37 11.46 17.99
C ALA B 235 42.95 11.00 17.69
N ASP B 236 42.25 11.65 16.75
CA ASP B 236 40.92 11.21 16.34
C ASP B 236 40.94 9.77 15.85
N ALA B 237 41.92 9.42 15.03
CA ALA B 237 41.96 8.08 14.44
C ALA B 237 42.22 7.01 15.50
N ALA B 238 43.21 7.25 16.37
CA ALA B 238 43.46 6.29 17.44
C ALA B 238 42.27 6.19 18.39
N LEU B 239 41.57 7.30 18.61
CA LEU B 239 40.37 7.29 19.43
C LEU B 239 39.31 6.35 18.85
N MET B 240 39.05 6.44 17.55
CA MET B 240 38.10 5.52 16.91
C MET B 240 38.53 4.07 17.11
N MET B 241 39.83 3.78 16.96
CA MET B 241 40.31 2.42 17.16
C MET B 241 40.14 1.98 18.61
N GLN B 242 40.42 2.87 19.57
CA GLN B 242 40.24 2.51 20.98
C GLN B 242 38.78 2.30 21.34
N LEU B 243 37.86 3.01 20.67
CA LEU B 243 36.45 2.73 20.87
C LEU B 243 36.01 1.42 20.19
N GLY B 244 36.89 0.74 19.47
CA GLY B 244 36.59 -0.58 18.96
C GLY B 244 36.19 -0.67 17.51
N CYS B 245 36.66 0.25 16.67
CA CYS B 245 36.49 0.14 15.23
C CYS B 245 37.62 -0.68 14.64
N ASP B 246 37.37 -1.25 13.45
CA ASP B 246 38.39 -2.06 12.78
C ASP B 246 39.32 -1.23 11.91
N GLY B 247 39.07 0.06 11.76
CA GLY B 247 39.81 0.90 10.84
C GLY B 247 39.06 2.21 10.68
N VAL B 248 39.64 3.12 9.88
CA VAL B 248 39.02 4.43 9.67
C VAL B 248 39.12 4.86 8.20
N PHE B 249 38.11 5.63 7.78
CA PHE B 249 38.16 6.40 6.55
C PHE B 249 38.63 7.81 6.88
N VAL B 250 39.41 8.40 5.98
CA VAL B 250 39.77 9.80 6.07
C VAL B 250 39.64 10.42 4.68
N GLY B 251 38.82 11.43 4.56
CA GLY B 251 38.75 12.10 3.28
C GLY B 251 39.37 13.47 3.34
N SER B 252 38.61 14.38 3.93
CA SER B 252 38.97 15.79 3.93
C SER B 252 40.18 16.07 4.82
N GLY B 253 40.33 15.33 5.93
CA GLY B 253 41.34 15.67 6.91
C GLY B 253 42.76 15.71 6.38
N ILE B 254 43.05 14.95 5.31
CA ILE B 254 44.42 14.81 4.82
C ILE B 254 44.73 15.84 3.75
N PHE B 255 43.98 15.82 2.66
CA PHE B 255 44.28 16.69 1.52
C PHE B 255 43.60 18.05 1.62
N LYS B 256 42.91 18.35 2.73
CA LYS B 256 42.49 19.71 3.07
C LYS B 256 43.27 20.26 4.26
N SER B 257 44.52 19.81 4.44
CA SER B 257 45.40 20.30 5.49
C SER B 257 46.70 20.78 4.87
N GLY B 258 47.61 21.29 5.73
CA GLY B 258 48.89 21.85 5.25
C GLY B 258 49.90 20.95 4.55
N ASP B 259 50.36 19.87 5.21
CA ASP B 259 51.09 18.81 4.53
C ASP B 259 50.24 17.55 4.54
N PRO B 260 49.62 17.17 3.42
CA PRO B 260 48.91 15.88 3.38
C PRO B 260 49.83 14.66 3.37
N ALA B 261 50.97 14.72 2.67
CA ALA B 261 51.86 13.56 2.63
C ALA B 261 52.31 13.14 4.03
N ARG B 262 52.65 14.10 4.88
CA ARG B 262 53.09 13.74 6.22
C ARG B 262 51.91 13.44 7.13
N ARG B 263 50.81 14.18 7.01
CA ARG B 263 49.64 13.90 7.84
C ARG B 263 49.07 12.52 7.52
N ALA B 264 49.19 12.07 6.26
CA ALA B 264 48.69 10.76 5.88
C ALA B 264 49.47 9.65 6.56
N ARG B 265 50.80 9.74 6.55
CA ARG B 265 51.60 8.78 7.29
C ARG B 265 51.29 8.80 8.78
N ALA B 266 51.07 9.99 9.34
CA ALA B 266 50.84 10.10 10.77
C ALA B 266 49.54 9.41 11.17
N ILE B 267 48.51 9.51 10.33
CA ILE B 267 47.23 8.87 10.64
C ILE B 267 47.33 7.35 10.47
N VAL B 268 48.04 6.89 9.43
CA VAL B 268 48.28 5.46 9.28
C VAL B 268 49.00 4.90 10.51
N GLN B 269 50.04 5.59 10.96
CA GLN B 269 50.78 5.10 12.12
C GLN B 269 49.92 5.14 13.38
N ALA B 270 49.03 6.13 13.50
CA ALA B 270 48.18 6.22 14.68
C ALA B 270 47.23 5.04 14.75
N VAL B 271 46.72 4.59 13.60
CA VAL B 271 45.79 3.46 13.60
C VAL B 271 46.53 2.16 13.88
N THR B 272 47.73 2.00 13.30
CA THR B 272 48.54 0.81 13.57
C THR B 272 48.98 0.76 15.04
N HIS B 273 49.29 1.90 15.65
CA HIS B 273 49.76 1.89 17.03
C HIS B 273 48.83 2.68 17.93
N TYR B 274 47.53 2.39 17.88
CA TYR B 274 46.56 3.25 18.54
C TYR B 274 46.64 3.21 20.05
N SER B 275 47.33 2.23 20.64
CA SER B 275 47.42 2.12 22.09
C SER B 275 48.81 2.49 22.62
N ASP B 276 49.62 3.15 21.79
CA ASP B 276 50.95 3.60 22.20
C ASP B 276 50.97 5.11 22.24
N PRO B 277 50.78 5.74 23.40
CA PRO B 277 50.73 7.22 23.43
C PRO B 277 52.06 7.86 23.07
N GLU B 278 53.18 7.19 23.35
CA GLU B 278 54.47 7.72 22.95
C GLU B 278 54.57 7.86 21.44
N MET B 279 54.09 6.84 20.71
CA MET B 279 54.03 6.94 19.25
C MET B 279 53.04 8.01 18.81
N LEU B 280 51.87 8.07 19.43
CA LEU B 280 50.88 9.07 19.06
C LEU B 280 51.45 10.48 19.19
N VAL B 281 52.28 10.72 20.22
CA VAL B 281 52.96 12.01 20.37
C VAL B 281 53.91 12.24 19.19
N GLU B 282 54.74 11.24 18.88
CA GLU B 282 55.75 11.42 17.84
C GLU B 282 55.13 11.83 16.51
N VAL B 283 54.02 11.20 16.14
CA VAL B 283 53.42 11.52 14.84
C VAL B 283 52.53 12.75 14.90
N SER B 284 52.18 13.24 16.08
CA SER B 284 51.47 14.51 16.18
C SER B 284 52.39 15.71 16.23
N CYS B 285 53.66 15.51 16.57
CA CYS B 285 54.54 16.63 16.86
C CYS B 285 54.87 17.40 15.58
N GLY B 286 54.54 18.69 15.57
CA GLY B 286 54.83 19.55 14.42
C GLY B 286 54.15 19.10 13.15
N LEU B 287 52.90 18.66 13.26
CA LEU B 287 52.22 18.05 12.13
C LEU B 287 51.60 19.07 11.17
N GLY B 288 51.53 20.33 11.57
CA GLY B 288 51.01 21.36 10.69
C GLY B 288 49.54 21.65 10.96
N GLU B 289 48.95 22.38 10.02
CA GLU B 289 47.58 22.89 10.17
C GLU B 289 46.60 21.80 9.75
N ALA B 290 45.82 21.32 10.71
CA ALA B 290 44.70 20.45 10.40
C ALA B 290 43.62 21.26 9.68
N MET B 291 42.66 20.56 9.08
CA MET B 291 41.64 21.22 8.26
C MET B 291 40.78 22.21 9.07
N LYS C 20 13.75 -32.71 8.59
CA LYS C 20 12.60 -31.86 8.86
C LYS C 20 12.72 -31.18 10.23
N SER C 21 12.54 -29.85 10.28
CA SER C 21 12.75 -29.13 11.53
C SER C 21 11.60 -29.36 12.51
N PRO C 22 11.86 -29.23 13.81
CA PRO C 22 10.75 -29.33 14.78
C PRO C 22 9.67 -28.28 14.58
N PHE C 23 10.01 -27.11 14.04
CA PHE C 23 8.99 -26.12 13.73
C PHE C 23 8.11 -26.57 12.57
N SER C 24 8.74 -27.06 11.50
CA SER C 24 7.95 -27.51 10.35
C SER C 24 7.06 -28.68 10.70
N VAL C 25 7.47 -29.50 11.69
CA VAL C 25 6.60 -30.57 12.17
C VAL C 25 5.41 -30.00 12.89
N LYS C 26 5.63 -28.95 13.69
CA LYS C 26 4.53 -28.27 14.35
C LYS C 26 3.62 -27.59 13.34
N VAL C 27 4.19 -27.02 12.28
CA VAL C 27 3.37 -26.40 11.23
C VAL C 27 2.50 -27.46 10.57
N GLY C 28 3.05 -28.66 10.36
CA GLY C 28 2.28 -29.73 9.75
C GLY C 28 1.14 -30.23 10.62
N LEU C 29 1.34 -30.26 11.93
CA LEU C 29 0.26 -30.65 12.83
C LEU C 29 -0.95 -29.73 12.68
N ALA C 30 -0.71 -28.42 12.64
CA ALA C 30 -1.80 -27.46 12.52
C ALA C 30 -2.46 -27.51 11.13
N GLN C 31 -1.71 -27.94 10.11
CA GLN C 31 -2.31 -28.12 8.78
C GLN C 31 -3.40 -29.18 8.78
N MET C 32 -3.40 -30.08 9.76
CA MET C 32 -4.44 -31.10 9.80
C MET C 32 -5.80 -30.53 10.20
N LEU C 33 -5.83 -29.32 10.76
CA LEU C 33 -7.08 -28.65 11.08
C LEU C 33 -7.65 -27.85 9.91
N ARG C 34 -6.89 -27.71 8.83
CA ARG C 34 -7.31 -27.02 7.61
C ARG C 34 -8.74 -27.40 7.24
N GLY C 35 -9.62 -26.40 7.16
CA GLY C 35 -11.00 -26.62 6.78
C GLY C 35 -11.97 -26.90 7.91
N GLY C 36 -11.58 -26.67 9.16
CA GLY C 36 -12.40 -27.05 10.30
C GLY C 36 -12.85 -25.87 11.15
N VAL C 37 -13.64 -26.20 12.17
CA VAL C 37 -14.16 -25.26 13.14
C VAL C 37 -13.68 -25.65 14.54
N ILE C 38 -13.14 -24.69 15.27
CA ILE C 38 -12.68 -24.87 16.64
C ILE C 38 -13.66 -24.17 17.55
N MET C 39 -14.22 -24.90 18.52
CA MET C 39 -15.27 -24.37 19.38
C MET C 39 -14.78 -24.23 20.81
N ASP C 40 -15.09 -23.07 21.43
CA ASP C 40 -14.84 -22.88 22.86
C ASP C 40 -15.82 -23.70 23.69
N VAL C 41 -15.30 -24.43 24.68
CA VAL C 41 -16.12 -25.27 25.53
C VAL C 41 -15.72 -25.04 26.98
N VAL C 42 -16.69 -25.22 27.90
CA VAL C 42 -16.47 -25.01 29.32
C VAL C 42 -16.70 -26.25 30.17
N ASN C 43 -17.12 -27.36 29.56
CA ASN C 43 -17.29 -28.60 30.31
C ASN C 43 -17.31 -29.76 29.33
N ALA C 44 -17.31 -30.98 29.88
CA ALA C 44 -17.27 -32.18 29.06
C ALA C 44 -18.51 -32.28 28.18
N GLU C 45 -19.67 -31.87 28.69
CA GLU C 45 -20.90 -31.95 27.90
C GLU C 45 -20.81 -31.08 26.66
N GLN C 46 -20.41 -29.81 26.82
CA GLN C 46 -20.21 -28.95 25.66
C GLN C 46 -19.17 -29.52 24.72
N ALA C 47 -18.14 -30.17 25.27
CA ALA C 47 -17.09 -30.74 24.44
C ALA C 47 -17.63 -31.85 23.54
N ARG C 48 -18.45 -32.74 24.10
CA ARG C 48 -18.99 -33.84 23.31
C ARG C 48 -19.94 -33.32 22.25
N ILE C 49 -20.72 -32.29 22.58
CA ILE C 49 -21.59 -31.66 21.59
C ILE C 49 -20.76 -31.12 20.43
N ALA C 50 -19.65 -30.44 20.74
CA ALA C 50 -18.80 -29.89 19.72
C ALA C 50 -18.20 -30.99 18.83
N GLU C 51 -17.78 -32.10 19.44
CA GLU C 51 -17.21 -33.19 18.66
C GLU C 51 -18.28 -33.87 17.81
N GLU C 52 -19.47 -34.08 18.37
CA GLU C 52 -20.56 -34.71 17.67
C GLU C 52 -20.99 -33.90 16.45
N ALA C 53 -20.92 -32.57 16.56
CA ALA C 53 -21.25 -31.69 15.44
C ALA C 53 -20.18 -31.65 14.37
N GLY C 54 -18.96 -32.09 14.67
CA GLY C 54 -17.88 -32.07 13.72
C GLY C 54 -16.83 -30.98 13.92
N ALA C 55 -16.68 -30.43 15.12
CA ALA C 55 -15.57 -29.53 15.36
C ALA C 55 -14.27 -30.27 15.16
N CYS C 56 -13.29 -29.60 14.52
CA CYS C 56 -12.00 -30.24 14.33
C CYS C 56 -11.16 -30.23 15.59
N ALA C 57 -11.53 -29.41 16.58
CA ALA C 57 -10.82 -29.28 17.84
C ALA C 57 -11.69 -28.44 18.77
N VAL C 58 -11.42 -28.54 20.06
CA VAL C 58 -12.14 -27.74 21.05
C VAL C 58 -11.15 -26.91 21.85
N MET C 59 -11.59 -25.71 22.22
CA MET C 59 -10.79 -24.78 23.02
C MET C 59 -11.33 -24.82 24.43
N ALA C 60 -10.57 -25.40 25.35
CA ALA C 60 -11.01 -25.51 26.74
C ALA C 60 -10.78 -24.18 27.46
N LEU C 61 -11.83 -23.67 28.11
CA LEU C 61 -11.72 -22.47 28.93
C LEU C 61 -12.87 -22.45 29.93
N GLU C 62 -12.71 -21.66 30.99
CA GLU C 62 -13.71 -21.57 32.06
C GLU C 62 -14.65 -20.37 31.93
N ARG C 63 -14.37 -19.41 31.05
CA ARG C 63 -15.28 -18.30 30.75
C ARG C 63 -15.16 -17.95 29.28
N VAL C 64 -16.26 -18.00 28.53
CA VAL C 64 -16.21 -17.68 27.10
C VAL C 64 -15.89 -16.20 26.92
N PRO C 65 -15.40 -15.78 25.75
CA PRO C 65 -14.99 -14.37 25.59
C PRO C 65 -16.09 -13.35 25.86
N ALA C 66 -17.36 -13.63 25.52
CA ALA C 66 -18.41 -12.66 25.79
C ALA C 66 -18.68 -12.51 27.28
N ASP C 67 -18.44 -13.56 28.08
CA ASP C 67 -18.56 -13.46 29.53
C ASP C 67 -17.39 -12.69 30.15
N ILE C 68 -16.17 -12.93 29.64
CA ILE C 68 -15.00 -12.21 30.14
C ILE C 68 -15.18 -10.71 29.98
N ARG C 69 -15.68 -10.27 28.82
CA ARG C 69 -15.93 -8.86 28.59
C ARG C 69 -16.98 -8.31 29.54
N ALA C 70 -18.12 -9.02 29.66
CA ALA C 70 -19.24 -8.52 30.44
C ALA C 70 -18.95 -8.48 31.94
N GLN C 71 -17.98 -9.26 32.42
CA GLN C 71 -17.73 -9.40 33.85
C GLN C 71 -16.50 -8.69 34.35
N GLY C 72 -15.44 -8.59 33.53
CA GLY C 72 -14.20 -8.01 34.01
C GLY C 72 -13.43 -8.98 34.90
N GLY C 73 -12.53 -8.41 35.69
CA GLY C 73 -11.63 -9.18 36.52
C GLY C 73 -10.50 -9.80 35.70
N VAL C 74 -9.57 -10.43 36.40
CA VAL C 74 -8.42 -11.03 35.73
C VAL C 74 -8.82 -12.40 35.18
N ALA C 75 -8.53 -12.63 33.90
CA ALA C 75 -8.80 -13.90 33.23
C ALA C 75 -7.50 -14.64 33.02
N ARG C 76 -7.39 -15.84 33.57
CA ARG C 76 -6.14 -16.60 33.57
C ARG C 76 -6.32 -17.93 32.84
N MET C 77 -5.23 -18.71 32.82
CA MET C 77 -5.29 -20.09 32.39
C MET C 77 -6.36 -20.83 33.16
N SER C 78 -7.06 -21.74 32.49
CA SER C 78 -8.08 -22.50 33.19
C SER C 78 -7.44 -23.49 34.16
N ASP C 79 -8.23 -23.90 35.14
CA ASP C 79 -7.80 -24.91 36.11
C ASP C 79 -7.43 -26.19 35.36
N PRO C 80 -6.24 -26.76 35.59
CA PRO C 80 -5.87 -28.01 34.92
C PRO C 80 -6.90 -29.11 35.05
N GLN C 81 -7.62 -29.17 36.18
CA GLN C 81 -8.58 -30.24 36.38
C GLN C 81 -9.67 -30.21 35.32
N MET C 82 -10.22 -29.03 35.04
CA MET C 82 -11.29 -28.95 34.05
C MET C 82 -10.76 -29.23 32.65
N ILE C 83 -9.53 -28.83 32.36
CA ILE C 83 -8.92 -29.13 31.06
C ILE C 83 -8.72 -30.63 30.89
N LYS C 84 -8.35 -31.33 31.97
CA LYS C 84 -8.21 -32.78 31.91
C LYS C 84 -9.56 -33.45 31.63
N GLU C 85 -10.62 -32.96 32.26
CA GLU C 85 -11.96 -33.50 32.01
C GLU C 85 -12.32 -33.40 30.54
N ILE C 86 -12.06 -32.25 29.93
CA ILE C 86 -12.36 -32.08 28.51
C ILE C 86 -11.44 -32.96 27.66
N LYS C 87 -10.16 -33.07 28.06
CA LYS C 87 -9.22 -33.90 27.32
C LYS C 87 -9.65 -35.35 27.28
N GLN C 88 -10.26 -35.84 28.35
CA GLN C 88 -10.68 -37.22 28.46
C GLN C 88 -12.10 -37.46 27.93
N ALA C 89 -12.81 -36.41 27.53
CA ALA C 89 -14.18 -36.55 27.07
C ALA C 89 -14.31 -36.56 25.57
N VAL C 90 -13.24 -36.24 24.82
CA VAL C 90 -13.30 -36.13 23.37
C VAL C 90 -12.03 -36.78 22.81
N THR C 91 -12.07 -37.11 21.52
CA THR C 91 -10.91 -37.66 20.83
C THR C 91 -10.28 -36.67 19.85
N ILE C 92 -10.96 -35.59 19.51
CA ILE C 92 -10.40 -34.54 18.66
C ILE C 92 -9.39 -33.72 19.47
N PRO C 93 -8.52 -32.93 18.82
CA PRO C 93 -7.53 -32.14 19.58
C PRO C 93 -8.13 -31.16 20.57
N VAL C 94 -7.43 -30.95 21.69
CA VAL C 94 -7.85 -30.01 22.72
C VAL C 94 -6.82 -28.88 22.80
N MET C 95 -7.29 -27.65 22.64
CA MET C 95 -6.49 -26.45 22.88
C MET C 95 -6.85 -25.81 24.22
N ALA C 96 -5.98 -24.90 24.66
CA ALA C 96 -6.23 -24.14 25.88
C ALA C 96 -5.48 -22.83 25.80
N LYS C 97 -5.99 -21.80 26.50
CA LYS C 97 -5.42 -20.47 26.42
C LYS C 97 -4.43 -20.25 27.55
N ALA C 98 -3.34 -19.57 27.22
CA ALA C 98 -2.41 -19.01 28.19
C ALA C 98 -2.33 -17.51 27.97
N ARG C 99 -2.04 -16.77 29.03
CA ARG C 99 -1.93 -15.33 28.92
C ARG C 99 -0.70 -14.98 28.10
N ILE C 100 -0.80 -13.90 27.33
CA ILE C 100 0.35 -13.45 26.54
C ILE C 100 1.52 -13.18 27.48
N GLY C 101 2.66 -13.80 27.17
CA GLY C 101 3.87 -13.67 27.97
C GLY C 101 3.98 -14.62 29.15
N HIS C 102 2.92 -15.34 29.49
CA HIS C 102 2.94 -16.22 30.66
C HIS C 102 3.48 -17.59 30.26
N PHE C 103 4.81 -17.66 30.12
CA PHE C 103 5.42 -18.91 29.67
C PHE C 103 5.30 -20.03 30.69
N VAL C 104 5.08 -19.71 31.97
CA VAL C 104 4.88 -20.79 32.94
C VAL C 104 3.48 -21.39 32.81
N GLU C 105 2.45 -20.55 32.54
CA GLU C 105 1.13 -21.09 32.24
C GLU C 105 1.19 -22.04 31.03
N ALA C 106 1.97 -21.68 30.01
CA ALA C 106 2.17 -22.57 28.87
C ALA C 106 2.90 -23.84 29.27
N GLN C 107 3.86 -23.75 30.20
CA GLN C 107 4.56 -24.95 30.66
C GLN C 107 3.60 -25.92 31.32
N ILE C 108 2.65 -25.41 32.09
CA ILE C 108 1.67 -26.25 32.76
C ILE C 108 0.74 -26.90 31.73
N LEU C 109 0.25 -26.12 30.77
CA LEU C 109 -0.63 -26.69 29.75
C LEU C 109 0.09 -27.78 28.97
N GLU C 110 1.35 -27.54 28.60
CA GLU C 110 2.10 -28.56 27.89
C GLU C 110 2.27 -29.82 28.74
N ALA C 111 2.41 -29.65 30.06
CA ALA C 111 2.58 -30.82 30.92
C ALA C 111 1.27 -31.57 31.13
N ILE C 112 0.13 -30.93 30.90
CA ILE C 112 -1.16 -31.63 30.92
C ILE C 112 -1.30 -32.54 29.70
N GLY C 113 -0.53 -32.31 28.65
CA GLY C 113 -0.67 -33.11 27.46
C GLY C 113 -1.80 -32.70 26.56
N ILE C 114 -2.11 -31.41 26.51
CA ILE C 114 -3.06 -30.94 25.51
C ILE C 114 -2.31 -30.84 24.19
N ASP C 115 -3.02 -30.47 23.14
CA ASP C 115 -2.43 -30.53 21.82
C ASP C 115 -1.99 -29.16 21.30
N TYR C 116 -2.61 -28.09 21.76
CA TYR C 116 -2.27 -26.75 21.30
C TYR C 116 -2.44 -25.75 22.44
N ILE C 117 -1.61 -24.71 22.42
CA ILE C 117 -1.75 -23.59 23.33
C ILE C 117 -2.09 -22.37 22.48
N ASP C 118 -3.13 -21.66 22.87
CA ASP C 118 -3.44 -20.36 22.28
C ASP C 118 -2.92 -19.28 23.23
N GLU C 119 -1.87 -18.57 22.80
CA GLU C 119 -1.37 -17.42 23.55
C GLU C 119 -2.30 -16.25 23.24
N SER C 120 -3.28 -16.03 24.13
CA SER C 120 -4.56 -15.42 23.76
C SER C 120 -4.71 -13.99 24.30
N GLU C 121 -5.08 -13.06 23.42
N GLU C 121 -5.08 -13.08 23.40
CA GLU C 121 -5.37 -11.70 23.82
CA GLU C 121 -5.39 -11.71 23.79
C GLU C 121 -6.71 -11.57 24.56
C GLU C 121 -6.65 -11.61 24.64
N VAL C 122 -7.55 -12.61 24.58
CA VAL C 122 -8.79 -12.50 25.35
C VAL C 122 -8.54 -12.71 26.84
N LEU C 123 -7.45 -13.37 27.23
CA LEU C 123 -7.07 -13.36 28.62
C LEU C 123 -6.31 -12.07 28.96
N THR C 124 -6.09 -11.86 30.25
CA THR C 124 -5.41 -10.66 30.71
C THR C 124 -3.93 -10.71 30.33
N LEU C 125 -3.44 -9.65 29.67
CA LEU C 125 -2.03 -9.56 29.33
C LEU C 125 -1.14 -9.76 30.57
N ALA C 126 -0.17 -10.68 30.46
CA ALA C 126 0.80 -10.89 31.54
C ALA C 126 2.12 -10.17 31.29
N ASP C 127 2.52 -9.99 30.04
CA ASP C 127 3.75 -9.27 29.70
C ASP C 127 3.40 -8.27 28.61
N GLU C 128 3.54 -6.98 28.92
CA GLU C 128 3.21 -5.96 27.94
C GLU C 128 4.22 -5.88 26.80
N ASP C 129 5.45 -6.34 27.00
CA ASP C 129 6.52 -6.05 26.05
C ASP C 129 7.01 -7.27 25.27
N HIS C 130 6.67 -8.50 25.70
CA HIS C 130 7.21 -9.70 25.08
C HIS C 130 6.16 -10.79 25.10
N HIS C 131 6.13 -11.59 24.04
CA HIS C 131 5.33 -12.79 24.02
C HIS C 131 6.14 -13.99 24.53
N ILE C 132 5.46 -15.12 24.68
CA ILE C 132 6.12 -16.39 24.95
C ILE C 132 7.08 -16.74 23.82
N ASN C 133 8.28 -17.16 24.19
CA ASN C 133 9.21 -17.74 23.24
C ASN C 133 8.74 -19.14 22.86
N LYS C 134 7.98 -19.25 21.78
CA LYS C 134 7.27 -20.50 21.55
C LYS C 134 8.17 -21.62 21.01
N HIS C 135 9.35 -21.31 20.48
CA HIS C 135 10.28 -22.36 20.06
C HIS C 135 10.82 -23.18 21.22
N ASN C 136 10.69 -22.72 22.48
CA ASN C 136 11.16 -23.52 23.61
C ASN C 136 10.20 -24.63 24.01
N PHE C 137 9.10 -24.81 23.29
CA PHE C 137 8.07 -25.77 23.65
C PHE C 137 7.97 -26.86 22.58
N ARG C 138 7.47 -28.02 22.98
CA ARG C 138 7.28 -29.11 22.03
C ARG C 138 5.99 -28.95 21.23
N ILE C 139 4.94 -28.45 21.88
CA ILE C 139 3.64 -28.50 21.25
C ILE C 139 3.30 -27.18 20.58
N PRO C 140 2.46 -27.20 19.54
CA PRO C 140 2.25 -26.00 18.72
C PRO C 140 1.42 -24.95 19.42
N PHE C 141 1.74 -23.69 19.12
CA PHE C 141 1.01 -22.52 19.59
C PHE C 141 0.18 -21.91 18.47
N VAL C 142 -0.98 -21.36 18.84
CA VAL C 142 -1.73 -20.39 18.03
C VAL C 142 -1.51 -19.01 18.64
N CYS C 143 -1.33 -18.01 17.78
CA CYS C 143 -1.29 -16.60 18.18
C CYS C 143 -2.24 -15.79 17.31
N GLY C 144 -2.65 -14.64 17.84
CA GLY C 144 -3.51 -13.74 17.10
C GLY C 144 -2.74 -12.64 16.38
N CYS C 145 -3.42 -11.97 15.46
CA CYS C 145 -2.78 -10.89 14.74
C CYS C 145 -3.85 -9.95 14.19
N ARG C 146 -3.41 -8.75 13.84
CA ARG C 146 -4.26 -7.79 13.15
C ARG C 146 -3.72 -7.43 11.79
N ASN C 147 -2.49 -7.82 11.45
CA ASN C 147 -1.88 -7.39 10.20
C ASN C 147 -0.76 -8.36 9.88
N LEU C 148 -0.17 -8.21 8.70
CA LEU C 148 0.85 -9.15 8.27
C LEU C 148 2.08 -9.09 9.18
N GLY C 149 2.49 -7.88 9.57
CA GLY C 149 3.69 -7.75 10.39
C GLY C 149 3.56 -8.47 11.72
N GLU C 150 2.42 -8.30 12.39
CA GLU C 150 2.15 -9.00 13.63
C GLU C 150 2.19 -10.51 13.43
N ALA C 151 1.53 -11.00 12.37
CA ALA C 151 1.53 -12.44 12.11
C ALA C 151 2.95 -12.97 11.96
N LEU C 152 3.77 -12.29 11.17
CA LEU C 152 5.13 -12.77 10.94
C LEU C 152 5.96 -12.71 12.22
N ARG C 153 5.78 -11.67 13.04
CA ARG C 153 6.50 -11.62 14.31
C ARG C 153 6.10 -12.77 15.22
N ARG C 154 4.80 -13.09 15.28
CA ARG C 154 4.37 -14.23 16.08
C ARG C 154 4.98 -15.53 15.56
N ILE C 155 5.01 -15.70 14.23
CA ILE C 155 5.58 -16.91 13.64
C ILE C 155 7.07 -16.99 13.96
N ARG C 156 7.78 -15.87 13.84
CA ARG C 156 9.21 -15.90 14.15
C ARG C 156 9.47 -16.30 15.59
N GLU C 157 8.57 -15.91 16.51
CA GLU C 157 8.65 -16.35 17.89
C GLU C 157 8.29 -17.82 18.05
N GLY C 158 7.77 -18.46 17.01
CA GLY C 158 7.47 -19.87 17.06
C GLY C 158 6.01 -20.27 16.95
N ALA C 159 5.07 -19.34 16.76
CA ALA C 159 3.69 -19.73 16.52
C ALA C 159 3.61 -20.63 15.30
N ALA C 160 2.90 -21.76 15.44
CA ALA C 160 2.70 -22.69 14.33
C ALA C 160 1.38 -22.45 13.61
N MET C 161 0.60 -21.47 14.06
CA MET C 161 -0.73 -21.23 13.53
C MET C 161 -1.17 -19.84 13.96
N ILE C 162 -1.91 -19.16 13.10
CA ILE C 162 -2.25 -17.76 13.32
C ILE C 162 -3.74 -17.56 13.16
N ARG C 163 -4.34 -16.80 14.05
CA ARG C 163 -5.72 -16.44 13.87
C ARG C 163 -5.83 -14.92 13.87
N THR C 164 -6.83 -14.39 13.15
CA THR C 164 -7.12 -12.98 13.32
C THR C 164 -7.55 -12.71 14.75
N ARG C 165 -7.18 -11.55 15.27
CA ARG C 165 -7.67 -11.17 16.59
C ARG C 165 -9.18 -10.90 16.54
N GLY C 166 -9.63 -10.18 15.51
CA GLY C 166 -11.02 -9.76 15.45
C GLY C 166 -11.39 -8.97 16.70
N GLU C 167 -12.65 -9.12 17.11
CA GLU C 167 -13.18 -8.50 18.32
C GLU C 167 -13.96 -9.58 19.05
N ALA C 168 -13.33 -10.19 20.04
CA ALA C 168 -13.92 -11.35 20.68
C ALA C 168 -15.04 -10.95 21.63
N GLY C 169 -16.09 -11.77 21.69
CA GLY C 169 -17.20 -11.54 22.60
C GLY C 169 -18.27 -10.58 22.14
N THR C 170 -18.14 -9.98 20.94
CA THR C 170 -19.13 -9.01 20.48
C THR C 170 -20.15 -9.59 19.50
N GLY C 171 -19.86 -10.73 18.89
CA GLY C 171 -20.69 -11.22 17.81
C GLY C 171 -20.68 -10.33 16.59
N ASN C 172 -19.68 -9.46 16.46
CA ASN C 172 -19.60 -8.49 15.38
C ASN C 172 -18.39 -8.83 14.53
N ILE C 173 -18.61 -9.01 13.24
CA ILE C 173 -17.60 -9.57 12.36
C ILE C 173 -16.67 -8.52 11.78
N ILE C 174 -16.93 -7.23 12.06
CA ILE C 174 -16.28 -6.15 11.31
C ILE C 174 -14.76 -6.14 11.52
N GLU C 175 -14.29 -6.39 12.74
CA GLU C 175 -12.84 -6.33 12.94
C GLU C 175 -12.14 -7.54 12.33
N ALA C 176 -12.73 -8.73 12.45
CA ALA C 176 -12.14 -9.91 11.82
C ALA C 176 -12.04 -9.73 10.31
N VAL C 177 -13.05 -9.12 9.68
CA VAL C 177 -13.00 -8.86 8.25
C VAL C 177 -11.84 -7.93 7.92
N ARG C 178 -11.68 -6.87 8.72
CA ARG C 178 -10.57 -5.94 8.55
C ARG C 178 -9.22 -6.65 8.68
N HIS C 179 -9.07 -7.49 9.71
CA HIS C 179 -7.80 -8.17 9.89
C HIS C 179 -7.53 -9.16 8.79
N VAL C 180 -8.54 -9.96 8.41
CA VAL C 180 -8.39 -10.90 7.29
C VAL C 180 -7.95 -10.16 6.04
N ARG C 181 -8.61 -9.03 5.74
CA ARG C 181 -8.30 -8.30 4.53
C ARG C 181 -6.92 -7.66 4.60
N SER C 182 -6.55 -7.13 5.77
CA SER C 182 -5.22 -6.56 5.94
C SER C 182 -4.13 -7.60 5.65
N VAL C 183 -4.21 -8.75 6.31
CA VAL C 183 -3.19 -9.78 6.13
C VAL C 183 -3.18 -10.29 4.68
N ASN C 184 -4.33 -10.68 4.16
CA ASN C 184 -4.34 -11.21 2.80
C ASN C 184 -3.97 -10.14 1.78
N GLY C 185 -4.36 -8.89 2.02
CA GLY C 185 -4.07 -7.84 1.06
C GLY C 185 -2.59 -7.52 0.97
N ASP C 186 -1.90 -7.49 2.13
CA ASP C 186 -0.45 -7.29 2.14
C ASP C 186 0.29 -8.48 1.57
N ILE C 187 -0.25 -9.69 1.75
CA ILE C 187 0.35 -10.86 1.09
C ILE C 187 0.29 -10.70 -0.43
N ARG C 188 -0.87 -10.30 -0.96
CA ARG C 188 -1.01 -10.12 -2.40
C ARG C 188 -0.08 -9.04 -2.94
N VAL C 189 0.03 -7.91 -2.21
CA VAL C 189 1.00 -6.87 -2.55
C VAL C 189 2.39 -7.48 -2.63
N LEU C 190 2.70 -8.35 -1.69
CA LEU C 190 4.05 -8.88 -1.59
C LEU C 190 4.43 -9.72 -2.80
N ARG C 191 3.47 -10.30 -3.51
CA ARG C 191 3.78 -11.28 -4.56
C ARG C 191 4.37 -10.65 -5.81
N ASN C 192 3.83 -9.52 -6.25
CA ASN C 192 4.30 -8.80 -7.41
C ASN C 192 5.39 -7.77 -7.11
N MET C 193 5.77 -7.61 -5.85
CA MET C 193 6.61 -6.50 -5.48
C MET C 193 8.01 -6.68 -6.05
N ASP C 194 8.57 -5.59 -6.57
CA ASP C 194 9.99 -5.56 -6.90
C ASP C 194 10.83 -6.03 -5.72
N ASP C 195 11.72 -7.01 -5.97
CA ASP C 195 12.51 -7.61 -4.91
C ASP C 195 13.33 -6.57 -4.16
N ASP C 196 13.86 -5.58 -4.88
CA ASP C 196 14.70 -4.58 -4.24
C ASP C 196 13.92 -3.75 -3.22
N GLU C 197 12.59 -3.71 -3.33
CA GLU C 197 11.72 -2.98 -2.42
C GLU C 197 11.29 -3.78 -1.20
N VAL C 198 11.58 -5.09 -1.17
CA VAL C 198 11.12 -5.92 -0.05
C VAL C 198 11.85 -5.57 1.25
N PHE C 199 13.09 -5.10 1.19
CA PHE C 199 13.80 -4.73 2.42
C PHE C 199 13.05 -3.63 3.17
N THR C 200 12.76 -2.53 2.48
CA THR C 200 11.97 -1.44 3.08
C THR C 200 10.59 -1.94 3.52
N PHE C 201 9.94 -2.78 2.72
CA PHE C 201 8.63 -3.30 3.12
C PHE C 201 8.73 -4.07 4.43
N ALA C 202 9.79 -4.88 4.61
CA ALA C 202 9.99 -5.58 5.87
C ALA C 202 10.24 -4.60 7.03
N LYS C 203 11.02 -3.55 6.78
CA LYS C 203 11.22 -2.54 7.82
C LYS C 203 9.89 -1.90 8.23
N LYS C 204 9.02 -1.58 7.26
CA LYS C 204 7.78 -0.88 7.60
C LYS C 204 6.79 -1.79 8.28
N LEU C 205 6.86 -3.10 8.05
CA LEU C 205 6.03 -4.05 8.79
C LEU C 205 6.64 -4.43 10.12
N ALA C 206 7.87 -3.98 10.41
CA ALA C 206 8.67 -4.47 11.53
C ALA C 206 8.62 -5.99 11.63
N ALA C 207 8.93 -6.65 10.50
CA ALA C 207 8.84 -8.09 10.33
C ALA C 207 10.19 -8.65 9.90
N PRO C 208 10.51 -9.89 10.29
CA PRO C 208 11.78 -10.48 9.86
C PRO C 208 11.75 -10.72 8.36
N TYR C 209 12.80 -10.23 7.70
CA TYR C 209 12.86 -10.23 6.24
C TYR C 209 12.71 -11.64 5.67
N ASP C 210 13.37 -12.63 6.28
CA ASP C 210 13.32 -13.97 5.72
C ASP C 210 11.90 -14.54 5.75
N LEU C 211 11.13 -14.24 6.79
CA LEU C 211 9.73 -14.69 6.77
C LEU C 211 8.93 -13.93 5.72
N VAL C 212 9.29 -12.67 5.45
CA VAL C 212 8.60 -11.90 4.41
C VAL C 212 8.88 -12.51 3.04
N MET C 213 10.14 -12.86 2.76
CA MET C 213 10.46 -13.52 1.50
C MET C 213 9.81 -14.90 1.41
N GLN C 214 9.82 -15.67 2.50
CA GLN C 214 9.09 -16.94 2.50
C GLN C 214 7.63 -16.72 2.14
N THR C 215 6.99 -15.71 2.74
CA THR C 215 5.59 -15.40 2.42
C THR C 215 5.43 -15.01 0.97
N LYS C 216 6.39 -14.27 0.40
CA LYS C 216 6.33 -13.90 -1.00
C LYS C 216 6.48 -15.12 -1.91
N GLN C 217 7.32 -16.09 -1.52
CA GLN C 217 7.51 -17.29 -2.33
C GLN C 217 6.25 -18.14 -2.36
N LEU C 218 5.57 -18.28 -1.22
CA LEU C 218 4.40 -19.14 -1.12
C LEU C 218 3.14 -18.52 -1.70
N GLY C 219 3.05 -17.18 -1.71
CA GLY C 219 1.78 -16.56 -2.02
C GLY C 219 0.72 -16.68 -0.95
N ARG C 220 1.11 -17.05 0.28
CA ARG C 220 0.18 -17.20 1.38
C ARG C 220 0.99 -17.20 2.67
N LEU C 221 0.27 -17.23 3.79
CA LEU C 221 0.93 -17.24 5.10
C LEU C 221 1.68 -18.55 5.31
N PRO C 222 2.87 -18.50 5.90
CA PRO C 222 3.68 -19.73 6.06
C PRO C 222 3.11 -20.72 7.06
N VAL C 223 2.04 -20.38 7.76
CA VAL C 223 1.35 -21.30 8.66
C VAL C 223 -0.14 -21.19 8.38
N VAL C 224 -0.90 -22.12 8.98
CA VAL C 224 -2.36 -22.06 8.91
C VAL C 224 -2.87 -20.73 9.48
N GLN C 225 -3.89 -20.17 8.81
CA GLN C 225 -4.50 -18.90 9.21
C GLN C 225 -6.00 -19.09 9.41
N PHE C 226 -6.46 -19.07 10.65
CA PHE C 226 -7.89 -19.15 10.95
C PHE C 226 -8.44 -17.76 11.23
N ALA C 227 -9.75 -17.64 11.09
CA ALA C 227 -10.47 -16.43 11.46
C ALA C 227 -11.06 -16.61 12.86
N ALA C 228 -11.08 -15.53 13.62
CA ALA C 228 -11.62 -15.59 14.97
C ALA C 228 -12.08 -14.20 15.38
N GLY C 229 -13.03 -14.17 16.29
CA GLY C 229 -13.54 -12.91 16.82
C GLY C 229 -14.85 -12.51 16.19
N GLY C 230 -15.98 -12.81 16.86
CA GLY C 230 -17.26 -12.31 16.41
C GLY C 230 -18.00 -13.17 15.40
N VAL C 231 -17.47 -14.33 15.04
CA VAL C 231 -18.17 -15.20 14.08
C VAL C 231 -19.43 -15.72 14.76
N ALA C 232 -20.59 -15.22 14.35
CA ALA C 232 -21.83 -15.53 15.03
C ALA C 232 -22.75 -16.48 14.28
N THR C 233 -22.72 -16.48 12.95
CA THR C 233 -23.70 -17.16 12.12
C THR C 233 -23.01 -17.98 11.02
N PRO C 234 -23.72 -18.97 10.47
CA PRO C 234 -23.16 -19.68 9.30
C PRO C 234 -22.64 -18.76 8.22
N ALA C 235 -23.40 -17.71 7.87
CA ALA C 235 -22.95 -16.77 6.85
C ALA C 235 -21.64 -16.10 7.25
N ASP C 236 -21.49 -15.72 8.52
CA ASP C 236 -20.21 -15.19 9.01
C ASP C 236 -19.07 -16.18 8.75
N ALA C 237 -19.30 -17.45 9.08
CA ALA C 237 -18.25 -18.46 8.94
C ALA C 237 -17.86 -18.66 7.48
N ALA C 238 -18.85 -18.75 6.58
CA ALA C 238 -18.53 -18.94 5.17
C ALA C 238 -17.89 -17.70 4.55
N LEU C 239 -18.27 -16.51 5.01
CA LEU C 239 -17.62 -15.28 4.56
C LEU C 239 -16.12 -15.30 4.83
N MET C 240 -15.74 -15.67 6.06
CA MET C 240 -14.32 -15.77 6.39
C MET C 240 -13.60 -16.74 5.45
N MET C 241 -14.22 -17.88 5.16
CA MET C 241 -13.61 -18.85 4.28
C MET C 241 -13.47 -18.31 2.86
N GLN C 242 -14.50 -17.61 2.36
CA GLN C 242 -14.41 -17.03 1.03
C GLN C 242 -13.40 -15.89 0.97
N LEU C 243 -13.19 -15.20 2.09
CA LEU C 243 -12.08 -14.25 2.15
C LEU C 243 -10.72 -14.96 2.23
N GLY C 244 -10.70 -16.28 2.34
CA GLY C 244 -9.47 -17.04 2.21
C GLY C 244 -8.81 -17.45 3.52
N CYS C 245 -9.61 -17.77 4.54
CA CYS C 245 -9.08 -18.38 5.75
C CYS C 245 -9.05 -19.90 5.58
N ASP C 246 -8.29 -20.58 6.46
CA ASP C 246 -8.24 -22.04 6.42
C ASP C 246 -9.22 -22.69 7.39
N GLY C 247 -9.89 -21.90 8.21
CA GLY C 247 -10.85 -22.40 9.18
C GLY C 247 -11.26 -21.24 10.08
N VAL C 248 -12.15 -21.54 11.03
CA VAL C 248 -12.67 -20.50 11.92
C VAL C 248 -12.67 -21.00 13.36
N PHE C 249 -12.47 -20.05 14.29
CA PHE C 249 -12.80 -20.23 15.70
C PHE C 249 -14.18 -19.65 15.97
N VAL C 250 -14.98 -20.36 16.77
CA VAL C 250 -16.23 -19.82 17.28
C VAL C 250 -16.24 -20.04 18.79
N GLY C 251 -16.44 -18.97 19.54
CA GLY C 251 -16.44 -19.10 20.98
C GLY C 251 -17.80 -18.87 21.60
N SER C 252 -18.21 -17.61 21.60
CA SER C 252 -19.45 -17.21 22.28
C SER C 252 -20.68 -17.48 21.43
N GLY C 253 -20.55 -17.40 20.11
CA GLY C 253 -21.69 -17.41 19.20
C GLY C 253 -22.49 -18.71 19.17
N ILE C 254 -21.99 -19.80 19.79
CA ILE C 254 -22.68 -21.09 19.73
C ILE C 254 -23.44 -21.35 21.01
N PHE C 255 -22.73 -21.42 22.15
CA PHE C 255 -23.41 -21.83 23.42
C PHE C 255 -24.13 -20.66 24.10
N LYS C 256 -23.73 -19.42 23.81
CA LYS C 256 -24.48 -18.26 24.35
C LYS C 256 -25.79 -18.08 23.57
N SER C 257 -26.00 -18.86 22.50
CA SER C 257 -27.28 -18.80 21.76
C SER C 257 -28.31 -19.72 22.45
N GLY C 258 -29.54 -19.72 21.93
CA GLY C 258 -30.60 -20.56 22.52
C GLY C 258 -30.48 -22.01 22.08
N ASP C 259 -29.88 -22.25 20.90
CA ASP C 259 -29.79 -23.64 20.38
C ASP C 259 -28.36 -23.94 19.96
N PRO C 260 -27.46 -24.30 20.89
CA PRO C 260 -26.11 -24.69 20.54
C PRO C 260 -25.88 -25.96 19.69
N ALA C 261 -26.48 -27.10 20.04
CA ALA C 261 -26.14 -28.34 19.34
C ALA C 261 -26.55 -28.30 17.87
N ARG C 262 -27.56 -27.52 17.51
CA ARG C 262 -27.92 -27.39 16.09
C ARG C 262 -27.11 -26.30 15.41
N ARG C 263 -26.87 -25.18 16.11
CA ARG C 263 -26.10 -24.09 15.53
C ARG C 263 -24.64 -24.48 15.32
N ALA C 264 -24.10 -25.32 16.20
CA ALA C 264 -22.74 -25.81 16.02
C ALA C 264 -22.62 -26.59 14.72
N ARG C 265 -23.57 -27.49 14.47
CA ARG C 265 -23.57 -28.26 13.23
C ARG C 265 -23.69 -27.35 12.02
N ALA C 266 -24.58 -26.35 12.09
CA ALA C 266 -24.78 -25.42 10.99
C ALA C 266 -23.48 -24.69 10.63
N ILE C 267 -22.70 -24.31 11.63
CA ILE C 267 -21.46 -23.58 11.38
C ILE C 267 -20.40 -24.51 10.81
N VAL C 268 -20.36 -25.76 11.30
CA VAL C 268 -19.47 -26.77 10.71
C VAL C 268 -19.83 -27.00 9.24
N GLN C 269 -21.14 -27.12 8.94
CA GLN C 269 -21.57 -27.33 7.56
C GLN C 269 -21.20 -26.14 6.69
N ALA C 270 -21.30 -24.93 7.24
CA ALA C 270 -21.03 -23.72 6.48
C ALA C 270 -19.56 -23.59 6.13
N VAL C 271 -18.66 -24.06 7.00
CA VAL C 271 -17.23 -24.02 6.69
C VAL C 271 -16.87 -25.09 5.67
N THR C 272 -17.48 -26.28 5.79
CA THR C 272 -17.21 -27.36 4.85
C THR C 272 -17.65 -26.98 3.44
N HIS C 273 -18.84 -26.38 3.30
CA HIS C 273 -19.39 -26.04 1.98
C HIS C 273 -19.53 -24.53 1.81
N TYR C 274 -18.45 -23.77 2.02
CA TYR C 274 -18.58 -22.33 2.12
C TYR C 274 -18.90 -21.66 0.79
N SER C 275 -18.76 -22.34 -0.34
CA SER C 275 -19.10 -21.74 -1.62
C SER C 275 -20.41 -22.28 -2.20
N ASP C 276 -21.26 -22.87 -1.36
CA ASP C 276 -22.54 -23.44 -1.78
C ASP C 276 -23.69 -22.70 -1.11
N PRO C 277 -24.23 -21.67 -1.76
CA PRO C 277 -25.34 -20.92 -1.13
C PRO C 277 -26.58 -21.74 -0.82
N GLU C 278 -26.90 -22.77 -1.64
CA GLU C 278 -28.04 -23.63 -1.31
C GLU C 278 -27.82 -24.32 0.03
N MET C 279 -26.58 -24.69 0.32
CA MET C 279 -26.27 -25.30 1.61
C MET C 279 -26.37 -24.29 2.74
N LEU C 280 -25.88 -23.07 2.51
CA LEU C 280 -25.90 -22.06 3.57
C LEU C 280 -27.33 -21.69 3.94
N VAL C 281 -28.24 -21.68 2.95
CA VAL C 281 -29.64 -21.41 3.22
C VAL C 281 -30.22 -22.47 4.16
N GLU C 282 -29.99 -23.74 3.82
CA GLU C 282 -30.56 -24.85 4.59
C GLU C 282 -30.10 -24.80 6.04
N VAL C 283 -28.81 -24.58 6.28
CA VAL C 283 -28.31 -24.63 7.64
C VAL C 283 -28.69 -23.39 8.44
N SER C 284 -29.08 -22.30 7.77
CA SER C 284 -29.49 -21.08 8.43
C SER C 284 -30.97 -21.03 8.75
N CYS C 285 -31.79 -21.88 8.12
CA CYS C 285 -33.24 -21.78 8.21
C CYS C 285 -33.72 -22.16 9.60
N GLY C 286 -34.51 -21.27 10.21
CA GLY C 286 -35.07 -21.49 11.54
C GLY C 286 -34.06 -21.90 12.58
N LEU C 287 -32.92 -21.22 12.61
CA LEU C 287 -31.81 -21.61 13.48
C LEU C 287 -31.87 -20.99 14.86
N GLY C 288 -32.79 -20.06 15.11
CA GLY C 288 -32.97 -19.47 16.42
C GLY C 288 -32.22 -18.17 16.57
N GLU C 289 -32.30 -17.61 17.79
CA GLU C 289 -31.71 -16.31 18.08
C GLU C 289 -30.21 -16.44 18.31
N ALA C 290 -29.44 -15.66 17.56
CA ALA C 290 -27.98 -15.64 17.70
C ALA C 290 -27.55 -14.72 18.84
N PRO D 22 -26.78 -8.74 -17.48
CA PRO D 22 -26.73 -7.34 -17.91
C PRO D 22 -27.19 -6.38 -16.82
N PHE D 23 -26.34 -5.40 -16.48
CA PHE D 23 -26.75 -4.36 -15.55
C PHE D 23 -28.00 -3.61 -16.03
N SER D 24 -28.09 -3.33 -17.32
CA SER D 24 -29.25 -2.57 -17.80
C SER D 24 -30.56 -3.33 -17.63
N VAL D 25 -30.54 -4.66 -17.57
CA VAL D 25 -31.76 -5.41 -17.28
C VAL D 25 -32.20 -5.20 -15.82
N LYS D 26 -31.25 -5.23 -14.88
CA LYS D 26 -31.59 -4.98 -13.48
C LYS D 26 -32.07 -3.56 -13.27
N VAL D 27 -31.43 -2.60 -13.96
CA VAL D 27 -31.84 -1.20 -13.87
C VAL D 27 -33.26 -1.04 -14.39
N GLY D 28 -33.60 -1.71 -15.50
CA GLY D 28 -34.94 -1.61 -16.03
C GLY D 28 -35.97 -2.25 -15.13
N LEU D 29 -35.62 -3.39 -14.51
CA LEU D 29 -36.49 -4.04 -13.55
C LEU D 29 -36.91 -3.07 -12.45
N ALA D 30 -35.95 -2.35 -11.89
CA ALA D 30 -36.20 -1.44 -10.77
C ALA D 30 -37.10 -0.30 -11.16
N GLN D 31 -37.21 0.03 -12.46
CA GLN D 31 -38.11 1.09 -12.90
C GLN D 31 -39.57 0.77 -12.63
N MET D 32 -39.92 -0.52 -12.50
CA MET D 32 -41.30 -0.87 -12.18
C MET D 32 -41.73 -0.34 -10.81
N LEU D 33 -40.78 0.00 -9.96
CA LEU D 33 -41.12 0.50 -8.64
C LEU D 33 -41.38 2.00 -8.63
N ARG D 34 -41.01 2.70 -9.70
CA ARG D 34 -41.18 4.14 -9.78
C ARG D 34 -42.63 4.53 -9.46
N GLY D 35 -42.80 5.44 -8.50
CA GLY D 35 -44.13 5.84 -8.07
C GLY D 35 -44.71 5.07 -6.90
N GLY D 36 -43.93 4.22 -6.22
CA GLY D 36 -44.45 3.35 -5.19
C GLY D 36 -43.90 3.61 -3.80
N VAL D 37 -44.47 2.90 -2.83
CA VAL D 37 -43.99 2.90 -1.46
C VAL D 37 -43.53 1.48 -1.12
N ILE D 38 -42.32 1.36 -0.58
CA ILE D 38 -41.79 0.11 -0.07
C ILE D 38 -41.89 0.14 1.46
N MET D 39 -42.51 -0.89 2.03
CA MET D 39 -42.79 -0.92 3.46
C MET D 39 -42.01 -2.05 4.13
N ASP D 40 -41.33 -1.72 5.23
CA ASP D 40 -40.71 -2.72 6.08
C ASP D 40 -41.80 -3.54 6.78
N VAL D 41 -41.64 -4.87 6.78
CA VAL D 41 -42.59 -5.78 7.42
C VAL D 41 -41.82 -6.82 8.22
N VAL D 42 -42.50 -7.41 9.21
CA VAL D 42 -41.89 -8.38 10.10
C VAL D 42 -42.63 -9.71 10.15
N ASN D 43 -43.77 -9.84 9.46
CA ASN D 43 -44.50 -11.09 9.41
C ASN D 43 -45.49 -11.05 8.25
N ALA D 44 -46.11 -12.20 8.00
CA ALA D 44 -47.06 -12.30 6.89
C ALA D 44 -48.30 -11.44 7.11
N GLU D 45 -48.70 -11.23 8.37
CA GLU D 45 -49.82 -10.34 8.64
C GLU D 45 -49.51 -8.93 8.17
N GLN D 46 -48.37 -8.39 8.59
CA GLN D 46 -47.95 -7.07 8.11
C GLN D 46 -47.78 -7.05 6.60
N ALA D 47 -47.22 -8.14 6.04
CA ALA D 47 -46.94 -8.16 4.62
C ALA D 47 -48.22 -8.04 3.80
N ARG D 48 -49.30 -8.66 4.26
CA ARG D 48 -50.56 -8.56 3.55
C ARG D 48 -51.15 -7.15 3.65
N ILE D 49 -51.11 -6.57 4.86
CA ILE D 49 -51.58 -5.19 5.04
C ILE D 49 -50.87 -4.26 4.06
N ALA D 50 -49.54 -4.36 4.00
CA ALA D 50 -48.77 -3.54 3.06
C ALA D 50 -49.22 -3.77 1.63
N GLU D 51 -49.47 -5.01 1.25
CA GLU D 51 -49.94 -5.29 -0.10
C GLU D 51 -51.36 -4.76 -0.30
N GLU D 52 -52.20 -4.87 0.73
CA GLU D 52 -53.57 -4.36 0.63
C GLU D 52 -53.59 -2.85 0.44
N ALA D 53 -52.78 -2.13 1.23
CA ALA D 53 -52.70 -0.68 1.11
C ALA D 53 -52.16 -0.22 -0.24
N GLY D 54 -51.59 -1.12 -1.04
CA GLY D 54 -51.06 -0.76 -2.33
C GLY D 54 -49.56 -0.54 -2.39
N ALA D 55 -48.80 -1.03 -1.41
CA ALA D 55 -47.35 -0.99 -1.49
C ALA D 55 -46.85 -1.64 -2.77
N CYS D 56 -45.75 -1.11 -3.32
CA CYS D 56 -45.16 -1.67 -4.52
C CYS D 56 -44.18 -2.80 -4.21
N ALA D 57 -43.74 -2.93 -2.96
CA ALA D 57 -42.86 -3.99 -2.51
C ALA D 57 -42.81 -3.96 -0.99
N VAL D 58 -42.29 -5.03 -0.41
CA VAL D 58 -42.11 -5.07 1.03
C VAL D 58 -40.66 -5.39 1.33
N MET D 59 -40.20 -4.91 2.47
CA MET D 59 -38.84 -5.11 2.94
C MET D 59 -38.93 -5.97 4.18
N ALA D 60 -38.58 -7.24 4.05
CA ALA D 60 -38.68 -8.17 5.17
C ALA D 60 -37.50 -7.96 6.12
N LEU D 61 -37.79 -7.84 7.41
CA LEU D 61 -36.73 -7.85 8.43
C LEU D 61 -37.34 -8.25 9.77
N GLU D 62 -36.47 -8.62 10.70
CA GLU D 62 -36.87 -9.01 12.04
C GLU D 62 -36.99 -7.84 13.01
N ARG D 63 -36.21 -6.77 12.83
CA ARG D 63 -36.27 -5.61 13.70
C ARG D 63 -36.32 -4.34 12.87
N VAL D 64 -37.41 -3.57 13.02
CA VAL D 64 -37.59 -2.30 12.32
C VAL D 64 -36.49 -1.33 12.77
N PRO D 65 -36.14 -0.32 11.96
CA PRO D 65 -34.98 0.52 12.31
C PRO D 65 -35.11 1.26 13.64
N ALA D 66 -36.31 1.69 14.05
CA ALA D 66 -36.43 2.42 15.31
C ALA D 66 -36.15 1.53 16.51
N ASP D 67 -36.41 0.22 16.41
CA ASP D 67 -36.08 -0.71 17.48
C ASP D 67 -34.61 -1.07 17.50
N ILE D 68 -33.95 -1.03 16.33
CA ILE D 68 -32.51 -1.25 16.28
C ILE D 68 -31.78 -0.13 17.01
N ARG D 69 -32.18 1.12 16.78
CA ARG D 69 -31.55 2.24 17.48
C ARG D 69 -31.87 2.24 18.96
N ALA D 70 -33.04 1.70 19.35
CA ALA D 70 -33.45 1.73 20.74
C ALA D 70 -32.78 0.62 21.54
N GLN D 71 -32.66 -0.57 20.97
CA GLN D 71 -32.17 -1.73 21.72
C GLN D 71 -30.67 -1.95 21.56
N GLY D 72 -30.08 -1.55 20.44
CA GLY D 72 -28.68 -1.83 20.20
C GLY D 72 -28.45 -3.28 19.79
N GLY D 73 -27.23 -3.77 20.04
CA GLY D 73 -26.85 -5.11 19.64
C GLY D 73 -26.47 -5.19 18.17
N VAL D 74 -25.98 -6.35 17.77
CA VAL D 74 -25.60 -6.55 16.36
C VAL D 74 -26.84 -6.90 15.55
N ALA D 75 -27.06 -6.18 14.47
CA ALA D 75 -28.23 -6.35 13.60
C ALA D 75 -27.78 -6.96 12.28
N ARG D 76 -28.30 -8.14 11.95
CA ARG D 76 -27.84 -8.92 10.80
C ARG D 76 -28.99 -9.18 9.82
N MET D 77 -28.65 -9.97 8.79
CA MET D 77 -29.66 -10.51 7.88
C MET D 77 -30.69 -11.31 8.67
N SER D 78 -31.94 -11.23 8.24
CA SER D 78 -33.00 -11.93 8.96
C SER D 78 -32.95 -13.42 8.68
N ASP D 79 -33.63 -14.19 9.53
CA ASP D 79 -33.68 -15.63 9.36
C ASP D 79 -34.29 -15.96 8.00
N PRO D 80 -33.63 -16.77 7.19
CA PRO D 80 -34.25 -17.23 5.93
C PRO D 80 -35.67 -17.72 6.08
N GLN D 81 -35.99 -18.36 7.20
CA GLN D 81 -37.33 -18.92 7.40
C GLN D 81 -38.39 -17.83 7.38
N MET D 82 -38.21 -16.76 8.18
CA MET D 82 -39.20 -15.71 8.24
C MET D 82 -39.28 -14.95 6.91
N ILE D 83 -38.18 -14.87 6.17
CA ILE D 83 -38.22 -14.27 4.85
C ILE D 83 -39.06 -15.12 3.90
N LYS D 84 -38.89 -16.46 3.96
CA LYS D 84 -39.70 -17.35 3.15
C LYS D 84 -41.18 -17.16 3.44
N GLU D 85 -41.56 -17.07 4.73
CA GLU D 85 -42.96 -16.86 5.10
C GLU D 85 -43.51 -15.59 4.45
N ILE D 86 -42.76 -14.49 4.54
CA ILE D 86 -43.22 -13.24 3.94
C ILE D 86 -43.30 -13.37 2.42
N LYS D 87 -42.32 -14.08 1.82
CA LYS D 87 -42.34 -14.27 0.37
C LYS D 87 -43.58 -15.04 -0.08
N GLN D 88 -43.93 -16.11 0.64
CA GLN D 88 -45.10 -16.90 0.25
C GLN D 88 -46.42 -16.18 0.53
N ALA D 89 -46.39 -15.04 1.21
CA ALA D 89 -47.61 -14.39 1.65
C ALA D 89 -48.05 -13.22 0.77
N VAL D 90 -47.24 -12.84 -0.24
CA VAL D 90 -47.54 -11.69 -1.08
C VAL D 90 -47.12 -11.96 -2.51
N THR D 91 -47.64 -11.16 -3.42
CA THR D 91 -47.31 -11.24 -4.83
C THR D 91 -46.37 -10.13 -5.28
N ILE D 92 -46.40 -8.99 -4.59
CA ILE D 92 -45.51 -7.86 -4.86
C ILE D 92 -44.07 -8.28 -4.57
N PRO D 93 -43.07 -7.65 -5.16
CA PRO D 93 -41.69 -8.03 -4.90
C PRO D 93 -41.35 -7.92 -3.41
N VAL D 94 -40.43 -8.79 -2.99
CA VAL D 94 -39.98 -8.88 -1.60
C VAL D 94 -38.48 -8.55 -1.56
N MET D 95 -38.12 -7.54 -0.80
CA MET D 95 -36.73 -7.20 -0.55
C MET D 95 -36.31 -7.66 0.84
N ALA D 96 -35.00 -7.74 1.05
CA ALA D 96 -34.42 -8.08 2.34
C ALA D 96 -33.08 -7.37 2.47
N LYS D 97 -32.66 -7.17 3.72
CA LYS D 97 -31.44 -6.44 4.01
C LYS D 97 -30.28 -7.41 4.24
N ALA D 98 -29.11 -7.03 3.73
CA ALA D 98 -27.84 -7.65 4.06
C ALA D 98 -26.90 -6.57 4.62
N ARG D 99 -25.99 -6.98 5.50
CA ARG D 99 -25.04 -6.03 6.06
C ARG D 99 -24.08 -5.55 4.98
N ILE D 100 -23.66 -4.29 5.09
CA ILE D 100 -22.73 -3.73 4.12
C ILE D 100 -21.44 -4.54 4.08
N GLY D 101 -21.06 -4.99 2.88
CA GLY D 101 -19.86 -5.77 2.69
C GLY D 101 -20.04 -7.26 2.89
N HIS D 102 -21.18 -7.71 3.40
CA HIS D 102 -21.40 -9.12 3.73
C HIS D 102 -21.95 -9.84 2.50
N PHE D 103 -21.06 -10.16 1.56
CA PHE D 103 -21.49 -10.74 0.29
C PHE D 103 -22.04 -12.15 0.44
N VAL D 104 -21.76 -12.82 1.56
CA VAL D 104 -22.30 -14.15 1.75
C VAL D 104 -23.73 -14.09 2.27
N GLU D 105 -24.03 -13.14 3.17
CA GLU D 105 -25.43 -12.87 3.50
C GLU D 105 -26.24 -12.58 2.23
N ALA D 106 -25.63 -11.86 1.28
CA ALA D 106 -26.32 -11.58 0.03
C ALA D 106 -26.45 -12.84 -0.82
N GLN D 107 -25.43 -13.72 -0.80
CA GLN D 107 -25.54 -14.99 -1.51
C GLN D 107 -26.73 -15.81 -1.00
N ILE D 108 -26.93 -15.82 0.32
CA ILE D 108 -28.02 -16.57 0.90
C ILE D 108 -29.36 -15.97 0.50
N LEU D 109 -29.48 -14.64 0.58
CA LEU D 109 -30.71 -13.96 0.20
C LEU D 109 -31.07 -14.25 -1.26
N GLU D 110 -30.08 -14.22 -2.15
CA GLU D 110 -30.33 -14.56 -3.54
C GLU D 110 -30.81 -15.99 -3.67
N ALA D 111 -30.22 -16.92 -2.91
CA ALA D 111 -30.59 -18.32 -3.00
C ALA D 111 -31.98 -18.59 -2.42
N ILE D 112 -32.50 -17.71 -1.56
CA ILE D 112 -33.87 -17.83 -1.09
C ILE D 112 -34.86 -17.55 -2.22
N GLY D 113 -34.43 -16.77 -3.22
CA GLY D 113 -35.32 -16.37 -4.29
C GLY D 113 -36.10 -15.10 -4.02
N ILE D 114 -35.55 -14.16 -3.28
CA ILE D 114 -36.26 -12.89 -3.14
C ILE D 114 -35.95 -12.06 -4.37
N ASP D 115 -36.49 -10.85 -4.41
CA ASP D 115 -36.42 -10.03 -5.61
C ASP D 115 -35.35 -8.94 -5.55
N TYR D 116 -35.04 -8.44 -4.35
CA TYR D 116 -34.12 -7.32 -4.18
C TYR D 116 -33.34 -7.49 -2.88
N ILE D 117 -32.08 -7.08 -2.90
CA ILE D 117 -31.27 -7.01 -1.69
C ILE D 117 -30.94 -5.56 -1.43
N ASP D 118 -31.18 -5.11 -0.22
CA ASP D 118 -30.78 -3.78 0.24
C ASP D 118 -29.50 -3.96 1.05
N GLU D 119 -28.38 -3.51 0.50
CA GLU D 119 -27.10 -3.47 1.20
C GLU D 119 -27.17 -2.26 2.10
N SER D 120 -27.55 -2.50 3.36
CA SER D 120 -28.23 -1.51 4.20
C SER D 120 -27.35 -1.01 5.33
N GLU D 121 -27.29 0.32 5.50
N GLU D 121 -27.30 0.31 5.49
CA GLU D 121 -26.59 0.92 6.62
CA GLU D 121 -26.60 0.94 6.60
C GLU D 121 -27.35 0.84 7.93
C GLU D 121 -27.33 0.79 7.93
N VAL D 122 -28.60 0.38 7.93
CA VAL D 122 -29.32 0.27 9.20
C VAL D 122 -28.85 -0.97 9.96
N LEU D 123 -28.39 -2.00 9.24
CA LEU D 123 -27.76 -3.15 9.87
C LEU D 123 -26.33 -2.82 10.25
N THR D 124 -25.76 -3.66 11.11
CA THR D 124 -24.40 -3.42 11.59
C THR D 124 -23.41 -3.58 10.44
N LEU D 125 -22.55 -2.58 10.25
CA LEU D 125 -21.52 -2.66 9.23
C LEU D 125 -20.70 -3.95 9.36
N ALA D 126 -20.45 -4.65 8.24
CA ALA D 126 -19.60 -5.84 8.26
C ALA D 126 -18.23 -5.62 7.66
N ASP D 127 -18.08 -4.63 6.78
CA ASP D 127 -16.81 -4.31 6.14
C ASP D 127 -16.72 -2.79 6.10
N GLU D 128 -15.76 -2.23 6.83
CA GLU D 128 -15.64 -0.77 6.91
C GLU D 128 -15.11 -0.16 5.63
N ASP D 129 -14.44 -0.94 4.78
CA ASP D 129 -13.68 -0.40 3.66
C ASP D 129 -14.24 -0.74 2.29
N HIS D 130 -15.12 -1.74 2.18
CA HIS D 130 -15.58 -2.20 0.87
C HIS D 130 -17.04 -2.57 0.94
N HIS D 131 -17.78 -2.23 -0.11
CA HIS D 131 -19.12 -2.76 -0.25
C HIS D 131 -19.08 -4.07 -1.05
N ILE D 132 -20.26 -4.69 -1.16
CA ILE D 132 -20.43 -5.89 -1.95
C ILE D 132 -20.24 -5.57 -3.44
N ASN D 133 -19.52 -6.46 -4.12
CA ASN D 133 -19.41 -6.42 -5.57
C ASN D 133 -20.73 -6.90 -6.19
N LYS D 134 -21.68 -5.98 -6.39
CA LYS D 134 -23.04 -6.37 -6.70
C LYS D 134 -23.21 -6.91 -8.12
N HIS D 135 -22.26 -6.59 -9.01
CA HIS D 135 -22.28 -7.16 -10.36
C HIS D 135 -22.09 -8.69 -10.35
N ASN D 136 -21.60 -9.29 -9.28
CA ASN D 136 -21.49 -10.75 -9.22
C ASN D 136 -22.83 -11.44 -8.99
N PHE D 137 -23.90 -10.68 -8.86
CA PHE D 137 -25.20 -11.22 -8.48
C PHE D 137 -26.20 -11.09 -9.62
N ARG D 138 -27.17 -11.99 -9.62
CA ARG D 138 -28.19 -12.00 -10.65
C ARG D 138 -29.33 -11.05 -10.30
N ILE D 139 -29.63 -10.87 -9.02
CA ILE D 139 -30.79 -10.07 -8.66
C ILE D 139 -30.35 -8.65 -8.30
N PRO D 140 -31.25 -7.67 -8.39
CA PRO D 140 -30.85 -6.27 -8.21
C PRO D 140 -30.64 -5.87 -6.77
N PHE D 141 -29.78 -4.88 -6.58
CA PHE D 141 -29.45 -4.34 -5.27
C PHE D 141 -29.95 -2.91 -5.13
N VAL D 142 -30.33 -2.56 -3.90
CA VAL D 142 -30.52 -1.19 -3.45
C VAL D 142 -29.36 -0.82 -2.54
N CYS D 143 -28.87 0.42 -2.66
CA CYS D 143 -27.89 0.98 -1.75
C CYS D 143 -28.30 2.39 -1.33
N GLY D 144 -27.87 2.79 -0.14
CA GLY D 144 -28.10 4.15 0.31
C GLY D 144 -27.03 5.12 -0.19
N CYS D 145 -27.29 6.40 0.00
CA CYS D 145 -26.29 7.42 -0.30
C CYS D 145 -26.66 8.69 0.44
N ARG D 146 -25.67 9.58 0.54
CA ARG D 146 -25.84 10.90 1.11
C ARG D 146 -25.53 12.02 0.13
N ASN D 147 -24.91 11.71 -1.00
CA ASN D 147 -24.51 12.73 -1.96
C ASN D 147 -24.28 12.03 -3.29
N LEU D 148 -24.02 12.82 -4.33
CA LEU D 148 -23.99 12.25 -5.68
C LEU D 148 -22.79 11.32 -5.85
N GLY D 149 -21.65 11.66 -5.24
CA GLY D 149 -20.49 10.80 -5.34
C GLY D 149 -20.74 9.42 -4.73
N GLU D 150 -21.37 9.38 -3.57
CA GLU D 150 -21.75 8.12 -2.95
C GLU D 150 -22.68 7.32 -3.87
N ALA D 151 -23.72 7.98 -4.40
CA ALA D 151 -24.65 7.29 -5.29
C ALA D 151 -23.92 6.67 -6.47
N LEU D 152 -23.07 7.45 -7.12
CA LEU D 152 -22.40 6.97 -8.31
C LEU D 152 -21.47 5.80 -7.99
N ARG D 153 -20.75 5.87 -6.86
CA ARG D 153 -19.87 4.76 -6.49
C ARG D 153 -20.66 3.50 -6.20
N ARG D 154 -21.81 3.63 -5.52
CA ARG D 154 -22.67 2.47 -5.33
C ARG D 154 -23.13 1.90 -6.67
N ILE D 155 -23.54 2.76 -7.61
CA ILE D 155 -24.00 2.29 -8.91
C ILE D 155 -22.89 1.57 -9.66
N ARG D 156 -21.67 2.13 -9.65
CA ARG D 156 -20.58 1.47 -10.37
C ARG D 156 -20.29 0.09 -9.78
N GLU D 157 -20.48 -0.07 -8.47
CA GLU D 157 -20.35 -1.37 -7.82
C GLU D 157 -21.44 -2.34 -8.22
N GLY D 158 -22.51 -1.86 -8.85
CA GLY D 158 -23.62 -2.72 -9.27
C GLY D 158 -24.96 -2.42 -8.66
N ALA D 159 -25.13 -1.39 -7.84
CA ALA D 159 -26.46 -1.05 -7.34
C ALA D 159 -27.39 -0.72 -8.50
N ALA D 160 -28.55 -1.37 -8.54
CA ALA D 160 -29.55 -1.08 -9.57
C ALA D 160 -30.54 -0.02 -9.11
N MET D 161 -30.43 0.44 -7.87
CA MET D 161 -31.39 1.36 -7.31
C MET D 161 -30.73 2.06 -6.14
N ILE D 162 -31.07 3.32 -5.93
CA ILE D 162 -30.43 4.13 -4.90
C ILE D 162 -31.51 4.72 -4.01
N ARG D 163 -31.28 4.71 -2.70
CA ARG D 163 -32.11 5.48 -1.80
C ARG D 163 -31.23 6.46 -1.02
N THR D 164 -31.81 7.58 -0.61
CA THR D 164 -31.12 8.43 0.36
C THR D 164 -30.90 7.67 1.65
N ARG D 165 -29.78 7.96 2.32
CA ARG D 165 -29.56 7.34 3.61
C ARG D 165 -30.55 7.87 4.63
N GLY D 166 -30.86 9.18 4.58
CA GLY D 166 -31.62 9.82 5.64
C GLY D 166 -31.03 9.50 7.01
N GLU D 167 -31.91 9.41 8.01
CA GLU D 167 -31.55 9.02 9.38
C GLU D 167 -32.60 8.04 9.85
N ALA D 168 -32.36 6.75 9.64
CA ALA D 168 -33.39 5.76 9.89
C ALA D 168 -33.71 5.66 11.39
N GLY D 169 -34.99 5.42 11.70
CA GLY D 169 -35.43 5.19 13.06
C GLY D 169 -35.88 6.41 13.85
N THR D 170 -35.66 7.63 13.35
CA THR D 170 -35.96 8.82 14.13
C THR D 170 -37.34 9.43 13.85
N GLY D 171 -37.97 9.10 12.72
CA GLY D 171 -39.13 9.83 12.29
C GLY D 171 -38.87 11.27 11.90
N ASN D 172 -37.61 11.63 11.66
CA ASN D 172 -37.22 13.02 11.40
C ASN D 172 -36.72 13.10 9.97
N ILE D 173 -37.35 13.99 9.19
CA ILE D 173 -37.16 14.05 7.74
C ILE D 173 -35.92 14.82 7.32
N ILE D 174 -35.25 15.49 8.27
CA ILE D 174 -34.29 16.54 7.93
C ILE D 174 -33.08 15.98 7.16
N GLU D 175 -32.56 14.81 7.56
CA GLU D 175 -31.40 14.29 6.85
C GLU D 175 -31.78 13.79 5.46
N ALA D 176 -32.95 13.17 5.32
CA ALA D 176 -33.41 12.76 3.99
C ALA D 176 -33.55 13.96 3.06
N VAL D 177 -34.07 15.09 3.58
CA VAL D 177 -34.19 16.31 2.77
C VAL D 177 -32.81 16.79 2.34
N ARG D 178 -31.85 16.82 3.28
CA ARG D 178 -30.49 17.19 2.95
C ARG D 178 -29.90 16.31 1.84
N HIS D 179 -30.13 14.99 1.93
CA HIS D 179 -29.53 14.07 0.98
C HIS D 179 -30.20 14.18 -0.40
N VAL D 180 -31.54 14.24 -0.42
CA VAL D 180 -32.24 14.45 -1.69
C VAL D 180 -31.74 15.72 -2.36
N ARG D 181 -31.73 16.84 -1.62
CA ARG D 181 -31.34 18.12 -2.21
C ARG D 181 -29.89 18.09 -2.68
N SER D 182 -29.00 17.43 -1.92
CA SER D 182 -27.61 17.32 -2.33
C SER D 182 -27.47 16.54 -3.65
N VAL D 183 -28.11 15.37 -3.75
CA VAL D 183 -28.01 14.57 -4.99
C VAL D 183 -28.59 15.34 -6.18
N ASN D 184 -29.83 15.83 -6.04
CA ASN D 184 -30.48 16.51 -7.17
C ASN D 184 -29.80 17.84 -7.48
N GLY D 185 -29.33 18.56 -6.46
CA GLY D 185 -28.65 19.82 -6.72
C GLY D 185 -27.37 19.64 -7.52
N ASP D 186 -26.56 18.64 -7.16
CA ASP D 186 -25.35 18.32 -7.91
C ASP D 186 -25.67 17.80 -9.30
N ILE D 187 -26.73 17.01 -9.45
CA ILE D 187 -27.10 16.61 -10.80
C ILE D 187 -27.46 17.83 -11.65
N ARG D 188 -28.20 18.78 -11.05
CA ARG D 188 -28.58 19.99 -11.80
C ARG D 188 -27.35 20.84 -12.15
N VAL D 189 -26.39 20.93 -11.23
CA VAL D 189 -25.13 21.61 -11.53
C VAL D 189 -24.38 20.89 -12.64
N LEU D 190 -24.31 19.56 -12.54
CA LEU D 190 -23.60 18.79 -13.54
C LEU D 190 -24.19 18.98 -14.93
N ARG D 191 -25.52 19.02 -15.03
CA ARG D 191 -26.19 19.12 -16.35
C ARG D 191 -25.70 20.31 -17.17
N ASN D 192 -25.46 21.44 -16.54
CA ASN D 192 -25.08 22.65 -17.25
C ASN D 192 -23.58 22.93 -17.21
N MET D 193 -22.80 22.05 -16.61
CA MET D 193 -21.39 22.33 -16.39
C MET D 193 -20.63 22.34 -17.71
N ASP D 194 -19.67 23.25 -17.84
CA ASP D 194 -18.68 23.18 -18.91
C ASP D 194 -18.05 21.78 -18.98
N ASP D 195 -18.06 21.17 -20.18
CA ASP D 195 -17.56 19.80 -20.33
C ASP D 195 -16.14 19.66 -19.81
N ASP D 196 -15.31 20.66 -20.07
CA ASP D 196 -13.91 20.61 -19.70
C ASP D 196 -13.73 20.54 -18.17
N GLU D 197 -14.70 21.01 -17.41
CA GLU D 197 -14.61 21.01 -15.95
C GLU D 197 -15.12 19.73 -15.34
N VAL D 198 -15.67 18.81 -16.13
CA VAL D 198 -16.25 17.61 -15.55
C VAL D 198 -15.18 16.65 -15.02
N PHE D 199 -13.98 16.64 -15.61
CA PHE D 199 -12.92 15.77 -15.10
C PHE D 199 -12.61 16.11 -13.64
N THR D 200 -12.38 17.40 -13.35
CA THR D 200 -12.12 17.84 -11.99
C THR D 200 -13.31 17.57 -11.08
N PHE D 201 -14.53 17.78 -11.59
CA PHE D 201 -15.73 17.51 -10.82
C PHE D 201 -15.81 16.04 -10.41
N ALA D 202 -15.46 15.13 -11.34
CA ALA D 202 -15.45 13.71 -11.01
C ALA D 202 -14.39 13.39 -9.95
N LYS D 203 -13.21 14.01 -10.05
CA LYS D 203 -12.19 13.84 -9.03
C LYS D 203 -12.69 14.28 -7.66
N LYS D 204 -13.30 15.47 -7.59
CA LYS D 204 -13.76 15.97 -6.30
C LYS D 204 -14.91 15.15 -5.75
N LEU D 205 -15.75 14.58 -6.61
CA LEU D 205 -16.76 13.64 -6.14
C LEU D 205 -16.19 12.29 -5.78
N ALA D 206 -14.93 12.04 -6.14
CA ALA D 206 -14.34 10.70 -6.11
C ALA D 206 -15.31 9.66 -6.68
N ALA D 207 -15.83 9.96 -7.88
CA ALA D 207 -16.80 9.17 -8.64
C ALA D 207 -16.26 8.84 -10.03
N PRO D 208 -16.64 7.68 -10.61
CA PRO D 208 -16.08 7.31 -11.92
C PRO D 208 -16.55 8.26 -13.01
N TYR D 209 -15.59 8.76 -13.79
CA TYR D 209 -15.86 9.81 -14.77
C TYR D 209 -16.93 9.38 -15.75
N ASP D 210 -16.92 8.13 -16.19
CA ASP D 210 -17.87 7.73 -17.21
C ASP D 210 -19.31 7.74 -16.67
N LEU D 211 -19.52 7.28 -15.43
CA LEU D 211 -20.86 7.42 -14.85
C LEU D 211 -21.25 8.87 -14.63
N VAL D 212 -20.26 9.75 -14.39
CA VAL D 212 -20.59 11.16 -14.21
C VAL D 212 -21.12 11.75 -15.51
N MET D 213 -20.47 11.43 -16.63
CA MET D 213 -20.92 11.94 -17.93
C MET D 213 -22.25 11.31 -18.32
N GLN D 214 -22.44 10.03 -18.01
CA GLN D 214 -23.74 9.42 -18.26
C GLN D 214 -24.83 10.16 -17.50
N THR D 215 -24.56 10.51 -16.24
CA THR D 215 -25.50 11.31 -15.45
C THR D 215 -25.71 12.68 -16.08
N LYS D 216 -24.63 13.32 -16.52
CA LYS D 216 -24.76 14.63 -17.17
C LYS D 216 -25.64 14.54 -18.40
N GLN D 217 -25.45 13.50 -19.22
CA GLN D 217 -26.21 13.35 -20.45
C GLN D 217 -27.67 13.01 -20.17
N LEU D 218 -27.93 12.08 -19.24
CA LEU D 218 -29.31 11.75 -18.89
C LEU D 218 -30.02 12.92 -18.24
N GLY D 219 -29.29 13.75 -17.49
CA GLY D 219 -29.89 14.80 -16.68
C GLY D 219 -30.59 14.32 -15.43
N ARG D 220 -30.34 13.09 -14.99
CA ARG D 220 -30.87 12.55 -13.75
C ARG D 220 -30.02 11.34 -13.35
N LEU D 221 -30.27 10.80 -12.16
CA LEU D 221 -29.55 9.61 -11.72
C LEU D 221 -29.80 8.46 -12.70
N PRO D 222 -28.76 7.71 -13.09
CA PRO D 222 -28.94 6.62 -14.06
C PRO D 222 -29.73 5.43 -13.52
N VAL D 223 -30.19 5.45 -12.28
CA VAL D 223 -31.04 4.40 -11.73
C VAL D 223 -32.17 5.06 -10.95
N VAL D 224 -33.19 4.26 -10.62
CA VAL D 224 -34.28 4.70 -9.76
C VAL D 224 -33.74 5.21 -8.43
N GLN D 225 -34.30 6.32 -7.96
CA GLN D 225 -33.84 7.01 -6.75
C GLN D 225 -35.00 7.20 -5.79
N PHE D 226 -34.99 6.47 -4.66
CA PHE D 226 -36.05 6.56 -3.66
C PHE D 226 -35.57 7.36 -2.45
N ALA D 227 -36.54 7.89 -1.71
CA ALA D 227 -36.26 8.52 -0.43
C ALA D 227 -36.47 7.52 0.70
N ALA D 228 -35.64 7.62 1.74
CA ALA D 228 -35.74 6.73 2.89
C ALA D 228 -35.13 7.42 4.09
N GLY D 229 -35.59 7.02 5.26
CA GLY D 229 -35.08 7.56 6.50
C GLY D 229 -35.95 8.67 7.06
N GLY D 230 -36.88 8.33 7.95
CA GLY D 230 -37.62 9.32 8.70
C GLY D 230 -38.95 9.73 8.12
N VAL D 231 -39.42 9.08 7.05
CA VAL D 231 -40.72 9.42 6.47
C VAL D 231 -41.81 8.94 7.43
N ALA D 232 -42.45 9.87 8.10
CA ALA D 232 -43.40 9.53 9.16
C ALA D 232 -44.85 9.79 8.80
N THR D 233 -45.11 10.76 7.93
CA THR D 233 -46.46 11.23 7.63
C THR D 233 -46.68 11.26 6.12
N PRO D 234 -47.93 11.30 5.68
CA PRO D 234 -48.19 11.49 4.25
C PRO D 234 -47.53 12.75 3.69
N ALA D 235 -47.45 13.82 4.48
CA ALA D 235 -46.83 15.06 4.02
C ALA D 235 -45.33 14.88 3.79
N ASP D 236 -44.65 14.13 4.66
CA ASP D 236 -43.25 13.80 4.41
C ASP D 236 -43.10 13.06 3.08
N ALA D 237 -43.95 12.07 2.85
CA ALA D 237 -43.86 11.27 1.63
C ALA D 237 -44.03 12.13 0.38
N ALA D 238 -45.05 13.02 0.40
CA ALA D 238 -45.30 13.87 -0.75
C ALA D 238 -44.19 14.89 -0.94
N LEU D 239 -43.59 15.35 0.17
CA LEU D 239 -42.46 16.26 0.08
C LEU D 239 -41.28 15.62 -0.65
N MET D 240 -40.94 14.39 -0.30
CA MET D 240 -39.89 13.68 -1.02
C MET D 240 -40.20 13.59 -2.51
N MET D 241 -41.46 13.28 -2.86
CA MET D 241 -41.82 13.21 -4.28
C MET D 241 -41.67 14.57 -4.96
N GLN D 242 -42.12 15.65 -4.31
CA GLN D 242 -42.02 16.97 -4.94
C GLN D 242 -40.57 17.43 -5.06
N LEU D 243 -39.70 16.97 -4.16
CA LEU D 243 -38.27 17.23 -4.32
C LEU D 243 -37.65 16.43 -5.46
N GLY D 244 -38.37 15.48 -6.05
CA GLY D 244 -37.93 14.76 -7.23
C GLY D 244 -37.56 13.28 -7.05
N CYS D 245 -37.98 12.63 -5.96
CA CYS D 245 -37.73 11.21 -5.79
C CYS D 245 -38.69 10.38 -6.65
N ASP D 246 -38.32 9.11 -6.88
CA ASP D 246 -39.18 8.20 -7.65
C ASP D 246 -40.13 7.39 -6.77
N GLY D 247 -39.98 7.47 -5.45
CA GLY D 247 -40.75 6.65 -4.53
C GLY D 247 -40.17 6.84 -3.15
N VAL D 248 -40.76 6.13 -2.18
CA VAL D 248 -40.30 6.25 -0.78
C VAL D 248 -40.28 4.90 -0.09
N PHE D 249 -39.32 4.75 0.84
CA PHE D 249 -39.32 3.67 1.81
C PHE D 249 -39.95 4.18 3.09
N VAL D 250 -40.67 3.31 3.79
CA VAL D 250 -41.18 3.61 5.13
C VAL D 250 -41.04 2.35 5.96
N GLY D 251 -40.31 2.45 7.07
CA GLY D 251 -40.15 1.30 7.95
C GLY D 251 -40.86 1.45 9.27
N SER D 252 -40.24 2.23 10.17
CA SER D 252 -40.80 2.42 11.51
C SER D 252 -42.03 3.32 11.48
N GLY D 253 -42.12 4.23 10.49
CA GLY D 253 -43.18 5.23 10.51
C GLY D 253 -44.58 4.65 10.51
N ILE D 254 -44.75 3.44 9.97
CA ILE D 254 -46.07 2.83 9.89
C ILE D 254 -46.32 1.96 11.10
N PHE D 255 -45.52 0.90 11.25
CA PHE D 255 -45.78 -0.10 12.27
C PHE D 255 -45.19 0.24 13.62
N LYS D 256 -44.82 1.50 13.85
CA LYS D 256 -44.60 2.05 15.18
C LYS D 256 -45.62 3.14 15.51
N SER D 257 -46.83 3.02 14.96
CA SER D 257 -47.90 3.99 15.17
C SER D 257 -49.20 3.26 15.52
N GLY D 258 -50.20 4.05 15.90
CA GLY D 258 -51.49 3.53 16.34
C GLY D 258 -52.17 2.61 15.35
N ASP D 259 -52.70 3.16 14.26
CA ASP D 259 -53.34 2.37 13.22
C ASP D 259 -52.39 2.29 12.02
N PRO D 260 -51.68 1.17 11.82
CA PRO D 260 -50.83 1.05 10.62
C PRO D 260 -51.60 0.75 9.34
N ALA D 261 -52.72 0.05 9.42
CA ALA D 261 -53.44 -0.34 8.21
C ALA D 261 -53.95 0.87 7.44
N ARG D 262 -54.43 1.90 8.14
CA ARG D 262 -54.89 3.09 7.44
C ARG D 262 -53.77 4.09 7.18
N ARG D 263 -52.77 4.15 8.06
CA ARG D 263 -51.63 5.01 7.79
C ARG D 263 -50.84 4.52 6.58
N ALA D 264 -50.82 3.21 6.36
CA ALA D 264 -50.14 2.65 5.20
C ALA D 264 -50.81 3.09 3.91
N ARG D 265 -52.14 2.94 3.84
CA ARG D 265 -52.87 3.40 2.68
C ARG D 265 -52.73 4.90 2.49
N ALA D 266 -52.67 5.66 3.59
CA ALA D 266 -52.54 7.11 3.48
C ALA D 266 -51.22 7.50 2.82
N ILE D 267 -50.14 6.78 3.14
CA ILE D 267 -48.85 7.11 2.55
C ILE D 267 -48.80 6.69 1.08
N VAL D 268 -49.40 5.55 0.75
CA VAL D 268 -49.52 5.14 -0.64
C VAL D 268 -50.25 6.20 -1.46
N GLN D 269 -51.41 6.66 -0.96
CA GLN D 269 -52.16 7.72 -1.63
C GLN D 269 -51.33 8.99 -1.79
N ALA D 270 -50.59 9.37 -0.74
CA ALA D 270 -49.83 10.61 -0.79
C ALA D 270 -48.74 10.55 -1.86
N VAL D 271 -48.14 9.38 -2.05
CA VAL D 271 -47.11 9.25 -3.07
C VAL D 271 -47.72 9.24 -4.46
N THR D 272 -48.84 8.55 -4.63
CA THR D 272 -49.53 8.56 -5.92
C THR D 272 -50.06 9.94 -6.28
N HIS D 273 -50.50 10.72 -5.28
CA HIS D 273 -51.09 12.03 -5.57
C HIS D 273 -50.31 13.15 -4.91
N TYR D 274 -48.98 13.17 -5.09
CA TYR D 274 -48.15 14.07 -4.30
C TYR D 274 -48.33 15.55 -4.64
N SER D 275 -48.99 15.89 -5.74
CA SER D 275 -49.19 17.30 -6.09
C SER D 275 -50.61 17.79 -5.82
N ASP D 276 -51.44 16.98 -5.16
CA ASP D 276 -52.83 17.36 -4.92
C ASP D 276 -53.02 17.68 -3.45
N PRO D 277 -52.96 18.95 -3.03
CA PRO D 277 -53.12 19.27 -1.60
C PRO D 277 -54.42 18.79 -1.01
N GLU D 278 -55.51 18.85 -1.78
CA GLU D 278 -56.80 18.39 -1.30
C GLU D 278 -56.75 16.91 -0.93
N MET D 279 -56.07 16.11 -1.75
CA MET D 279 -55.91 14.69 -1.45
C MET D 279 -55.08 14.48 -0.19
N LEU D 280 -54.01 15.27 -0.03
CA LEU D 280 -53.16 15.12 1.15
C LEU D 280 -53.93 15.43 2.44
N VAL D 281 -54.82 16.42 2.39
CA VAL D 281 -55.65 16.71 3.55
C VAL D 281 -56.54 15.52 3.89
N GLU D 282 -57.16 14.91 2.87
CA GLU D 282 -58.08 13.82 3.11
C GLU D 282 -57.40 12.65 3.80
N VAL D 283 -56.21 12.26 3.31
CA VAL D 283 -55.55 11.09 3.88
C VAL D 283 -54.84 11.42 5.19
N SER D 284 -54.63 12.70 5.49
CA SER D 284 -54.00 13.08 6.76
C SER D 284 -55.00 13.29 7.88
N CYS D 285 -56.28 13.47 7.55
CA CYS D 285 -57.27 13.90 8.53
C CYS D 285 -57.57 12.77 9.51
N GLY D 286 -57.51 13.08 10.81
CA GLY D 286 -57.78 12.10 11.84
C GLY D 286 -56.89 10.88 11.79
N LEU D 287 -55.69 11.01 11.23
CA LEU D 287 -54.84 9.85 11.00
C LEU D 287 -54.27 9.28 12.30
N GLY D 288 -54.49 9.93 13.44
CA GLY D 288 -54.15 9.33 14.71
C GLY D 288 -52.92 9.90 15.39
N GLU D 289 -51.90 9.06 15.56
CA GLU D 289 -50.68 9.44 16.27
C GLU D 289 -49.49 8.80 15.57
N ALA D 290 -48.53 9.62 15.16
CA ALA D 290 -47.33 9.11 14.53
C ALA D 290 -46.31 8.69 15.58
N MET D 291 -45.31 7.92 15.14
CA MET D 291 -44.29 7.35 16.02
C MET D 291 -43.59 8.40 16.88
#